data_1A6E
#
_entry.id   1A6E
#
_cell.length_a   167.800
_cell.length_b   167.800
_cell.length_c   202.300
_cell.angle_alpha   90.00
_cell.angle_beta   90.00
_cell.angle_gamma   90.00
#
_symmetry.space_group_name_H-M   'I 4 2 2'
#
loop_
_entity.id
_entity.type
_entity.pdbx_description
1 polymer 'THERMOSOME (ALPHA SUBUNIT)'
2 polymer 'THERMOSOME (BETA SUBUNIT)'
3 non-polymer 'MAGNESIUM ION'
4 non-polymer "ADENOSINE-5'-DIPHOSPHATE"
5 non-polymer 'ALUMINUM FLUORIDE'
6 water water
#
loop_
_entity_poly.entity_id
_entity_poly.type
_entity_poly.pdbx_seq_one_letter_code
_entity_poly.pdbx_strand_id
1 'polypeptide(L)'
;MMTGQVPILVLKEGTQREQGKNAQRNNIEAAKAIADAVRTTLGPKGMDKMLVDSIGDIIISNDGATILKEMDVEHPTAKM
IVEVSKAQDTAVGDGTTTAVVLSGELLKQAETLLDQGVHPTVISNGYRLAVNEARKIIDEIAEKSTDDATLRKIALTALS
GKNTGLSNDFLADLVVKAVNAVAEVRDGKTIVDTANIKVDKKNGGSVNDTQFISGIVIDKEKVHSKMPDVVKNAKIALID
SALEIKKTEIEAKVQISDPSKIQDFLNQETNTFKQMVEKIKKSGANVVLCQKGIDDVAQHYLAKEGIYAVRRVKKSDMEK
LAKATGAKIVTDLDDLTPSVLGEAETVEERKIGDDRMTFVMGCKNPKAVSILIRGGTDHVVSEVERALNDAIRVVAITKE
DGKFLWGGGAVEAELAMRLAKYANSVGGREQLAIEAFAKALEIIPRTLAENAGIDPINTLIKLKADDEKGRISVGVDLDN
NGVGDMKAKGVVDPLRVKTHALESAVEVATMILRIDDVIASKKSTPPSGQGGQGQGMPGGGMPEY
;
A
2 'polypeptide(L)'
;MIAGQPIFILKEGTKRESGKDAMKENIEAAIAISNSVRSSLGPRGMDKMLVDSLGDIVITNDGVTILKEMDVEHPAAKMM
VEVSKTQDSFVGDGTTTAVIIAGGLLQQAQGLINQNVHPTVISEGYRMASEEAKRVIDEISTKIGADEKALLLKMAQTSL
NSKSASVAKDKLAEISYEAVKSVAELRDGKYYVDFDNIQVVKKQGGAIDDTQLINGIIVDKEKVHPGMPDVVKDAKIALL
DAPLEIKKPEFDTNLRIEDPSMIQKFLAQEENMLREMVDKIKSVGANVVITQKGIDDMAQHYLSRAGIYAVRRVKKSDMD
KLAKATGASIVSTIDEISSSDLGTAERVEQVKVGEDYMTFVTGCKNPKAVSILVRGETEHVVDEMERSITDSLHVVASAL
EDGAYAAGGGATAAEIAFRLRSYAQKIGGRQQLAIEKFADAIEEIPRALAENAGLDPIDILLKLRAEHAKGNKTYGINVF
TGEIEDMVKNGVIEPIRVGKQAIESATEAAIMILRIDDVIATKSSSSSSNPPKSGSSSESSED
;
B
#
loop_
_chem_comp.id
_chem_comp.type
_chem_comp.name
_chem_comp.formula
ADP non-polymer ADENOSINE-5'-DIPHOSPHATE 'C10 H15 N5 O10 P2'
AF3 non-polymer 'ALUMINUM FLUORIDE' 'Al F3'
MG non-polymer 'MAGNESIUM ION' 'Mg 2'
#
# COMPACT_ATOMS: atom_id res chain seq x y z
N ARG A 17 -21.68 -25.80 32.96
CA ARG A 17 -20.80 -25.81 34.17
C ARG A 17 -19.99 -27.11 34.23
N GLU A 18 -18.71 -26.99 34.58
CA GLU A 18 -17.78 -28.12 34.70
C GLU A 18 -17.09 -28.03 36.04
N GLN A 19 -17.07 -29.15 36.75
CA GLN A 19 -16.44 -29.19 38.06
C GLN A 19 -15.20 -30.08 38.04
N GLY A 20 -14.27 -29.75 38.93
CA GLY A 20 -13.02 -30.48 39.10
C GLY A 20 -12.21 -30.88 37.90
N LYS A 21 -11.83 -32.16 37.88
CA LYS A 21 -11.02 -32.76 36.82
C LYS A 21 -11.49 -32.32 35.44
N ASN A 22 -12.78 -32.52 35.18
CA ASN A 22 -13.37 -32.14 33.91
C ASN A 22 -12.92 -30.72 33.59
N ALA A 23 -13.36 -29.76 34.39
CA ALA A 23 -13.02 -28.36 34.22
C ALA A 23 -11.54 -28.15 33.96
N GLN A 24 -10.72 -28.59 34.88
CA GLN A 24 -9.29 -28.42 34.74
C GLN A 24 -8.67 -28.97 33.45
N ARG A 25 -8.72 -30.28 33.26
CA ARG A 25 -8.15 -30.88 32.06
C ARG A 25 -8.71 -30.19 30.85
N ASN A 26 -9.99 -29.88 30.89
CA ASN A 26 -10.63 -29.20 29.79
C ASN A 26 -9.98 -27.84 29.55
N ASN A 27 -9.75 -27.11 30.65
CA ASN A 27 -9.14 -25.78 30.60
C ASN A 27 -7.73 -25.84 30.04
N ILE A 28 -6.96 -26.82 30.49
CA ILE A 28 -5.60 -27.00 30.00
C ILE A 28 -5.64 -27.34 28.51
N GLU A 29 -6.66 -28.10 28.10
CA GLU A 29 -6.83 -28.48 26.71
C GLU A 29 -7.10 -27.26 25.83
N ALA A 30 -7.92 -26.34 26.35
CA ALA A 30 -8.26 -25.11 25.66
C ALA A 30 -6.99 -24.28 25.44
N ALA A 31 -6.32 -23.95 26.53
CA ALA A 31 -5.10 -23.15 26.47
C ALA A 31 -4.10 -23.76 25.50
N LYS A 32 -3.88 -25.05 25.64
CA LYS A 32 -2.96 -25.77 24.77
C LYS A 32 -3.29 -25.48 23.31
N ALA A 33 -4.54 -25.66 22.93
CA ALA A 33 -4.99 -25.41 21.56
C ALA A 33 -4.68 -24.01 21.01
N ILE A 34 -5.15 -22.99 21.72
CA ILE A 34 -4.94 -21.61 21.29
C ILE A 34 -3.45 -21.38 21.16
N ALA A 35 -2.68 -22.03 22.04
CA ALA A 35 -1.23 -21.91 22.03
C ALA A 35 -0.59 -22.52 20.79
N ASP A 36 -1.14 -23.62 20.29
CA ASP A 36 -0.57 -24.23 19.09
C ASP A 36 -0.89 -23.46 17.83
N ALA A 37 -1.99 -22.71 17.87
CA ALA A 37 -2.42 -21.90 16.74
C ALA A 37 -1.32 -20.95 16.31
N VAL A 38 -0.49 -20.53 17.26
CA VAL A 38 0.60 -19.62 16.94
C VAL A 38 1.97 -20.27 16.96
N ARG A 39 2.05 -21.46 17.53
CA ARG A 39 3.31 -22.17 17.63
C ARG A 39 4.19 -22.16 16.38
N THR A 40 3.60 -22.40 15.22
CA THR A 40 4.38 -22.42 13.97
C THR A 40 4.90 -21.08 13.46
N THR A 41 4.59 -20.01 14.16
CA THR A 41 5.06 -18.71 13.70
C THR A 41 6.38 -18.38 14.40
N LEU A 42 6.80 -19.23 15.34
CA LEU A 42 8.02 -18.96 16.08
C LEU A 42 9.36 -19.10 15.36
N GLY A 43 10.18 -18.08 15.54
CA GLY A 43 11.50 -18.10 14.96
C GLY A 43 11.58 -17.70 13.52
N PRO A 44 12.78 -17.78 12.97
CA PRO A 44 13.19 -17.46 11.59
C PRO A 44 12.39 -18.24 10.58
N LYS A 45 12.49 -19.57 10.61
CA LYS A 45 11.75 -20.43 9.68
C LYS A 45 10.26 -20.47 10.04
N GLY A 46 9.72 -19.34 10.48
CA GLY A 46 8.34 -19.31 10.87
C GLY A 46 7.39 -19.24 9.69
N MET A 47 6.13 -19.53 9.94
CA MET A 47 5.10 -19.46 8.93
C MET A 47 4.13 -18.35 9.26
N ASP A 48 3.23 -18.06 8.33
CA ASP A 48 2.24 -17.02 8.54
C ASP A 48 0.87 -17.64 8.53
N LYS A 49 -0.07 -16.89 9.08
CA LYS A 49 -1.44 -17.33 9.14
C LYS A 49 -2.21 -16.34 8.29
N MET A 50 -3.36 -16.77 7.80
CA MET A 50 -4.22 -15.91 7.02
C MET A 50 -5.60 -15.90 7.68
N LEU A 51 -5.95 -14.78 8.30
CA LEU A 51 -7.24 -14.64 8.95
C LEU A 51 -8.11 -13.83 7.99
N VAL A 52 -9.35 -14.27 7.79
CA VAL A 52 -10.26 -13.57 6.91
C VAL A 52 -11.57 -13.34 7.65
N ASP A 53 -12.02 -12.09 7.68
CA ASP A 53 -13.27 -11.76 8.35
C ASP A 53 -14.47 -11.81 7.41
N SER A 54 -15.33 -10.78 7.48
CA SER A 54 -16.52 -10.69 6.62
C SER A 54 -16.51 -9.50 5.61
N ILE A 55 -15.89 -8.38 5.98
CA ILE A 55 -15.83 -7.22 5.08
C ILE A 55 -14.40 -6.79 4.74
N GLY A 56 -13.67 -6.29 5.75
CA GLY A 56 -12.28 -5.86 5.53
C GLY A 56 -11.59 -6.94 4.75
N ASP A 57 -11.69 -8.15 5.30
CA ASP A 57 -11.22 -9.39 4.73
C ASP A 57 -9.90 -10.07 5.12
N ILE A 58 -9.03 -10.26 4.13
CA ILE A 58 -7.78 -10.96 4.32
C ILE A 58 -6.73 -10.18 5.09
N ILE A 59 -6.20 -10.86 6.11
CA ILE A 59 -5.13 -10.36 6.95
C ILE A 59 -4.16 -11.53 7.01
N ILE A 60 -2.94 -11.27 6.58
CA ILE A 60 -1.91 -12.29 6.59
C ILE A 60 -0.79 -11.72 7.46
N SER A 61 -0.46 -12.47 8.52
CA SER A 61 0.57 -12.05 9.47
C SER A 61 1.32 -13.17 10.16
N ASN A 62 2.41 -12.79 10.80
CA ASN A 62 3.26 -13.73 11.53
C ASN A 62 3.28 -13.29 12.96
N ASP A 63 2.78 -12.09 13.20
CA ASP A 63 2.73 -11.47 14.52
C ASP A 63 1.80 -12.27 15.43
N GLY A 64 2.26 -12.61 16.63
CA GLY A 64 1.44 -13.37 17.55
C GLY A 64 0.14 -12.67 17.96
N ALA A 65 0.26 -11.47 18.53
CA ALA A 65 -0.88 -10.66 18.98
C ALA A 65 -1.91 -10.50 17.89
N THR A 66 -1.47 -10.13 16.68
CA THR A 66 -2.38 -9.97 15.55
C THR A 66 -3.21 -11.23 15.27
N ILE A 67 -2.52 -12.33 14.99
CA ILE A 67 -3.17 -13.59 14.69
C ILE A 67 -4.23 -13.97 15.74
N LEU A 68 -4.05 -13.46 16.95
CA LEU A 68 -4.98 -13.74 18.04
C LEU A 68 -6.05 -12.68 18.25
N LYS A 69 -5.70 -11.40 18.20
CA LYS A 69 -6.72 -10.34 18.39
C LYS A 69 -7.77 -10.52 17.32
N GLU A 70 -7.32 -10.88 16.13
CA GLU A 70 -8.19 -11.08 14.99
C GLU A 70 -8.84 -12.42 15.02
N MET A 71 -8.23 -13.38 15.71
CA MET A 71 -8.78 -14.72 15.79
C MET A 71 -10.08 -14.69 16.58
N ASP A 72 -11.01 -15.55 16.21
CA ASP A 72 -12.28 -15.59 16.91
C ASP A 72 -12.28 -16.66 17.97
N VAL A 73 -11.74 -16.30 19.12
CA VAL A 73 -11.67 -17.21 20.24
C VAL A 73 -12.99 -17.19 20.98
N GLU A 74 -13.46 -18.37 21.33
CA GLU A 74 -14.74 -18.49 22.02
C GLU A 74 -14.56 -18.96 23.47
N HIS A 75 -13.82 -20.06 23.65
CA HIS A 75 -13.59 -20.63 24.97
C HIS A 75 -12.96 -19.59 25.89
N PRO A 76 -13.54 -19.38 27.08
CA PRO A 76 -13.08 -18.41 28.10
C PRO A 76 -11.59 -18.49 28.34
N THR A 77 -11.15 -19.68 28.76
CA THR A 77 -9.76 -19.99 29.04
C THR A 77 -8.89 -19.56 27.89
N ALA A 78 -9.31 -19.89 26.66
CA ALA A 78 -8.52 -19.48 25.50
C ALA A 78 -8.46 -17.97 25.42
N LYS A 79 -9.55 -17.30 25.76
CA LYS A 79 -9.56 -15.85 25.74
C LYS A 79 -8.51 -15.31 26.71
N MET A 80 -8.30 -16.00 27.82
CA MET A 80 -7.28 -15.58 28.82
C MET A 80 -5.86 -15.69 28.24
N ILE A 81 -5.54 -16.78 27.55
CA ILE A 81 -4.22 -16.92 26.93
C ILE A 81 -4.03 -15.80 25.91
N VAL A 82 -5.09 -15.40 25.22
CA VAL A 82 -5.01 -14.34 24.24
C VAL A 82 -4.66 -13.03 24.93
N GLU A 83 -5.18 -12.85 26.13
CA GLU A 83 -4.92 -11.63 26.88
C GLU A 83 -3.41 -11.39 27.04
N VAL A 84 -2.64 -12.46 27.29
CA VAL A 84 -1.20 -12.28 27.46
C VAL A 84 -0.49 -11.78 26.19
N SER A 85 -0.99 -12.13 25.01
CA SER A 85 -0.33 -11.69 23.79
C SER A 85 -0.56 -10.20 23.69
N LYS A 86 -1.80 -9.77 23.90
CA LYS A 86 -2.11 -8.33 23.84
C LYS A 86 -1.30 -7.54 24.86
N ALA A 87 -1.09 -8.12 26.05
CA ALA A 87 -0.28 -7.47 27.09
C ALA A 87 1.18 -7.46 26.65
N GLN A 88 1.74 -8.64 26.37
CA GLN A 88 3.14 -8.75 25.91
C GLN A 88 3.42 -7.71 24.83
N ASP A 89 2.49 -7.59 23.91
CA ASP A 89 2.65 -6.66 22.82
C ASP A 89 2.68 -5.20 23.28
N THR A 90 1.62 -4.75 23.94
CA THR A 90 1.52 -3.36 24.35
C THR A 90 2.48 -2.97 25.46
N ALA A 91 2.92 -3.96 26.23
CA ALA A 91 3.82 -3.67 27.32
C ALA A 91 5.30 -3.83 26.98
N VAL A 92 5.62 -4.78 26.13
CA VAL A 92 7.00 -5.03 25.79
C VAL A 92 7.28 -5.16 24.26
N GLY A 93 6.23 -5.20 23.44
CA GLY A 93 6.42 -5.22 21.99
C GLY A 93 6.76 -6.49 21.26
N ASP A 94 7.77 -7.20 21.74
CA ASP A 94 8.20 -8.45 21.13
C ASP A 94 7.76 -9.55 22.11
N GLY A 95 7.86 -10.80 21.68
CA GLY A 95 7.52 -11.91 22.55
C GLY A 95 6.09 -12.41 22.68
N THR A 96 5.17 -11.86 21.91
CA THR A 96 3.79 -12.30 22.01
C THR A 96 3.62 -13.79 21.71
N THR A 97 4.32 -14.32 20.70
CA THR A 97 4.20 -15.75 20.41
C THR A 97 4.73 -16.53 21.62
N THR A 98 5.96 -16.22 22.04
CA THR A 98 6.60 -16.89 23.18
C THR A 98 5.73 -17.00 24.44
N ALA A 99 5.17 -15.88 24.88
CA ALA A 99 4.34 -15.87 26.08
C ALA A 99 3.14 -16.79 25.94
N VAL A 100 2.59 -16.88 24.73
CA VAL A 100 1.44 -17.73 24.52
C VAL A 100 1.87 -19.18 24.58
N VAL A 101 2.86 -19.53 23.75
CA VAL A 101 3.38 -20.90 23.68
C VAL A 101 3.81 -21.37 25.07
N LEU A 102 4.47 -20.50 25.82
CA LEU A 102 4.93 -20.81 27.17
C LEU A 102 3.76 -21.08 28.14
N SER A 103 2.70 -20.26 28.10
CA SER A 103 1.54 -20.47 28.97
C SER A 103 0.89 -21.81 28.65
N GLY A 104 0.87 -22.13 27.36
CA GLY A 104 0.32 -23.41 26.94
C GLY A 104 1.13 -24.55 27.53
N GLU A 105 2.46 -24.42 27.50
CA GLU A 105 3.32 -25.46 28.02
C GLU A 105 3.32 -25.59 29.53
N LEU A 106 3.19 -24.49 30.27
CA LEU A 106 3.16 -24.58 31.72
C LEU A 106 1.85 -25.23 32.16
N LEU A 107 0.76 -24.90 31.46
CA LEU A 107 -0.50 -25.53 31.79
C LEU A 107 -0.44 -27.02 31.43
N LYS A 108 0.14 -27.34 30.28
CA LYS A 108 0.28 -28.72 29.83
C LYS A 108 1.13 -29.54 30.81
N GLN A 109 2.35 -29.06 31.09
CA GLN A 109 3.23 -29.76 32.03
C GLN A 109 2.57 -29.99 33.39
N ALA A 110 1.77 -29.03 33.83
CA ALA A 110 1.08 -29.16 35.10
C ALA A 110 0.10 -30.34 35.09
N GLU A 111 -0.54 -30.58 33.95
CA GLU A 111 -1.52 -31.66 33.86
C GLU A 111 -0.98 -33.01 34.29
N THR A 112 0.33 -33.17 34.28
CA THR A 112 0.90 -34.43 34.73
C THR A 112 0.95 -34.43 36.24
N LEU A 113 1.52 -33.36 36.79
CA LEU A 113 1.63 -33.21 38.23
C LEU A 113 0.25 -33.33 38.84
N LEU A 114 -0.75 -32.85 38.12
CA LEU A 114 -2.12 -32.93 38.56
C LEU A 114 -2.55 -34.39 38.67
N ASP A 115 -2.38 -35.15 37.60
CA ASP A 115 -2.76 -36.56 37.60
C ASP A 115 -2.07 -37.38 38.68
N GLN A 116 -0.84 -37.02 39.03
CA GLN A 116 -0.11 -37.74 40.05
C GLN A 116 -0.64 -37.48 41.46
N GLY A 117 -1.42 -36.42 41.58
CA GLY A 117 -1.99 -36.06 42.87
C GLY A 117 -1.54 -34.72 43.40
N VAL A 118 -0.54 -34.09 42.80
CA VAL A 118 -0.04 -32.79 43.28
C VAL A 118 -1.18 -31.78 43.23
N HIS A 119 -1.29 -30.94 44.26
CA HIS A 119 -2.36 -29.95 44.33
C HIS A 119 -2.04 -28.67 43.55
N PRO A 120 -2.98 -28.19 42.69
CA PRO A 120 -2.88 -27.00 41.84
C PRO A 120 -2.13 -25.88 42.51
N THR A 121 -2.39 -25.70 43.80
CA THR A 121 -1.73 -24.65 44.56
C THR A 121 -0.23 -24.87 44.69
N VAL A 122 0.18 -26.04 45.14
CA VAL A 122 1.60 -26.27 45.27
C VAL A 122 2.28 -26.15 43.90
N ILE A 123 1.56 -26.50 42.85
CA ILE A 123 2.09 -26.38 41.50
C ILE A 123 2.25 -24.87 41.27
N SER A 124 1.24 -24.10 41.63
CA SER A 124 1.30 -22.67 41.49
C SER A 124 2.46 -22.11 42.29
N ASN A 125 2.81 -22.75 43.39
CA ASN A 125 3.93 -22.29 44.22
C ASN A 125 5.27 -22.69 43.66
N GLY A 126 5.29 -23.81 42.96
CA GLY A 126 6.51 -24.25 42.32
C GLY A 126 6.82 -23.24 41.23
N TYR A 127 5.83 -22.96 40.36
CA TYR A 127 6.01 -21.97 39.29
C TYR A 127 6.48 -20.63 39.83
N ARG A 128 6.02 -20.26 41.02
CA ARG A 128 6.44 -19.00 41.60
C ARG A 128 7.91 -19.14 41.84
N LEU A 129 8.28 -20.08 42.72
CA LEU A 129 9.68 -20.35 43.07
C LEU A 129 10.53 -20.35 41.79
N ALA A 130 10.22 -21.27 40.89
CA ALA A 130 10.90 -21.41 39.62
C ALA A 130 11.08 -20.07 38.91
N VAL A 131 9.96 -19.41 38.55
CA VAL A 131 10.04 -18.13 37.84
C VAL A 131 10.81 -17.08 38.60
N ASN A 132 10.61 -16.98 39.91
CA ASN A 132 11.33 -15.99 40.70
C ASN A 132 12.81 -16.30 40.59
N GLU A 133 13.13 -17.60 40.63
CA GLU A 133 14.51 -18.04 40.51
C GLU A 133 15.06 -17.72 39.14
N ALA A 134 14.36 -18.13 38.10
CA ALA A 134 14.81 -17.84 36.75
C ALA A 134 14.99 -16.34 36.58
N ARG A 135 14.11 -15.55 37.20
CA ARG A 135 14.17 -14.09 37.10
C ARG A 135 15.45 -13.53 37.65
N LYS A 136 16.22 -14.38 38.33
CA LYS A 136 17.51 -14.01 38.90
C LYS A 136 18.62 -14.57 38.02
N ILE A 137 18.54 -15.85 37.68
CA ILE A 137 19.57 -16.45 36.82
C ILE A 137 19.74 -15.63 35.56
N ILE A 138 18.65 -15.30 34.88
CA ILE A 138 18.82 -14.54 33.67
C ILE A 138 19.51 -13.23 33.97
N ASP A 139 19.01 -12.48 34.95
CA ASP A 139 19.60 -11.19 35.32
C ASP A 139 21.06 -11.37 35.75
N GLU A 140 21.42 -12.61 36.08
CA GLU A 140 22.78 -12.92 36.49
C GLU A 140 23.61 -13.15 35.25
N ILE A 141 23.07 -13.96 34.35
CA ILE A 141 23.75 -14.31 33.10
C ILE A 141 23.50 -13.34 31.94
N ALA A 142 22.78 -12.26 32.19
CA ALA A 142 22.49 -11.29 31.14
C ALA A 142 23.79 -10.63 30.70
N GLU A 143 23.86 -10.27 29.42
CA GLU A 143 25.04 -9.65 28.83
C GLU A 143 24.81 -8.17 28.50
N LYS A 144 25.53 -7.31 29.20
CA LYS A 144 25.44 -5.88 29.03
C LYS A 144 26.13 -5.46 27.71
N SER A 145 25.70 -4.33 27.14
CA SER A 145 26.20 -3.75 25.89
C SER A 145 25.14 -2.82 25.31
N THR A 146 25.55 -1.63 24.91
CA THR A 146 24.63 -0.64 24.36
C THR A 146 25.10 -0.11 23.00
N ASP A 147 26.24 -0.63 22.52
CA ASP A 147 26.78 -0.16 21.26
C ASP A 147 25.88 -0.45 20.07
N ASP A 148 25.88 0.46 19.12
CA ASP A 148 25.08 0.32 17.93
C ASP A 148 25.29 -1.08 17.34
N ALA A 149 26.50 -1.59 17.49
CA ALA A 149 26.86 -2.91 16.97
C ALA A 149 25.89 -4.02 17.37
N THR A 150 25.47 -3.98 18.62
CA THR A 150 24.54 -4.97 19.11
C THR A 150 23.12 -4.48 18.97
N LEU A 151 22.89 -3.16 19.07
CA LEU A 151 21.53 -2.65 18.89
C LEU A 151 21.08 -3.16 17.54
N ARG A 152 22.01 -3.17 16.58
CA ARG A 152 21.75 -3.64 15.24
C ARG A 152 21.41 -5.11 15.27
N LYS A 153 22.09 -5.85 16.14
CA LYS A 153 21.84 -7.28 16.31
C LYS A 153 20.43 -7.53 16.84
N ILE A 154 20.00 -6.77 17.85
CA ILE A 154 18.66 -6.96 18.41
C ILE A 154 17.65 -6.83 17.29
N ALA A 155 17.86 -5.79 16.47
CA ALA A 155 17.00 -5.53 15.33
C ALA A 155 16.91 -6.72 14.38
N LEU A 156 18.03 -7.13 13.79
CA LEU A 156 18.05 -8.25 12.84
C LEU A 156 17.23 -9.47 13.27
N THR A 157 17.34 -9.79 14.55
CA THR A 157 16.64 -10.95 15.12
C THR A 157 15.15 -10.71 15.33
N ALA A 158 14.77 -9.46 15.58
CA ALA A 158 13.36 -9.14 15.80
C ALA A 158 12.55 -9.20 14.52
N LEU A 159 13.27 -9.19 13.40
CA LEU A 159 12.69 -9.23 12.07
C LEU A 159 12.76 -10.59 11.39
N SER A 160 13.17 -11.64 12.11
CA SER A 160 13.31 -12.98 11.52
C SER A 160 12.19 -13.76 10.80
N GLY A 161 11.33 -14.46 11.51
CA GLY A 161 10.30 -15.18 10.80
C GLY A 161 9.36 -14.36 9.93
N LYS A 162 9.59 -13.04 9.83
CA LYS A 162 8.71 -12.14 9.08
C LYS A 162 9.10 -11.95 7.62
N ASN A 163 8.07 -11.71 6.80
CA ASN A 163 8.18 -11.50 5.36
C ASN A 163 8.53 -10.06 5.04
N THR A 164 9.81 -9.76 5.20
CA THR A 164 10.35 -8.43 4.98
C THR A 164 11.30 -8.32 3.81
N GLY A 165 11.58 -9.47 3.19
CA GLY A 165 12.48 -9.48 2.05
C GLY A 165 13.89 -9.87 2.45
N LEU A 166 14.87 -9.26 1.79
CA LEU A 166 16.28 -9.54 2.08
C LEU A 166 16.90 -8.28 2.71
N SER A 167 16.10 -7.22 2.72
CA SER A 167 16.50 -5.90 3.22
C SER A 167 16.73 -5.77 4.72
N ASN A 168 16.45 -6.81 5.49
CA ASN A 168 16.64 -6.75 6.94
C ASN A 168 17.81 -5.93 7.46
N ASP A 169 18.98 -6.06 6.86
CA ASP A 169 20.11 -5.29 7.33
C ASP A 169 19.83 -3.84 7.15
N PHE A 170 19.21 -3.50 6.02
CA PHE A 170 18.84 -2.13 5.73
C PHE A 170 17.82 -1.66 6.78
N LEU A 171 16.79 -2.47 7.00
CA LEU A 171 15.76 -2.13 7.99
C LEU A 171 16.33 -2.00 9.41
N ALA A 172 17.18 -2.95 9.80
CA ALA A 172 17.81 -2.95 11.12
C ALA A 172 18.47 -1.60 11.32
N ASP A 173 19.25 -1.20 10.32
CA ASP A 173 19.95 0.07 10.35
C ASP A 173 19.02 1.26 10.48
N LEU A 174 17.91 1.28 9.75
CA LEU A 174 16.97 2.39 9.90
C LEU A 174 16.52 2.49 11.37
N VAL A 175 16.13 1.36 11.94
CA VAL A 175 15.66 1.28 13.31
C VAL A 175 16.68 1.78 14.34
N VAL A 176 17.90 1.27 14.28
CA VAL A 176 18.99 1.67 15.19
C VAL A 176 19.14 3.15 15.14
N LYS A 177 19.20 3.67 13.92
CA LYS A 177 19.32 5.08 13.64
C LYS A 177 18.15 5.90 14.23
N ALA A 178 16.91 5.48 13.96
CA ALA A 178 15.75 6.19 14.47
C ALA A 178 15.76 6.22 15.99
N VAL A 179 16.02 5.06 16.60
CA VAL A 179 16.07 4.97 18.06
C VAL A 179 17.14 5.94 18.57
N ASN A 180 18.35 5.85 18.02
CA ASN A 180 19.45 6.71 18.44
C ASN A 180 19.18 8.19 18.25
N ALA A 181 18.45 8.53 17.20
CA ALA A 181 18.13 9.91 16.89
C ALA A 181 17.10 10.53 17.86
N VAL A 182 16.33 9.68 18.55
CA VAL A 182 15.32 10.14 19.50
C VAL A 182 15.66 9.80 20.95
N ALA A 183 16.69 8.99 21.16
CA ALA A 183 17.08 8.60 22.51
C ALA A 183 17.62 9.82 23.24
N GLU A 184 17.02 10.12 24.38
CA GLU A 184 17.45 11.26 25.17
C GLU A 184 18.09 10.74 26.44
N VAL A 185 18.85 11.60 27.10
CA VAL A 185 19.51 11.22 28.35
C VAL A 185 19.01 12.20 29.39
N ARG A 186 18.69 11.70 30.57
CA ARG A 186 18.21 12.53 31.66
C ARG A 186 19.21 12.40 32.80
N ASP A 187 18.72 12.13 34.02
CA ASP A 187 19.62 11.97 35.14
C ASP A 187 20.43 10.68 34.94
N GLY A 188 21.42 10.76 34.06
CA GLY A 188 22.29 9.62 33.80
C GLY A 188 21.82 8.48 32.90
N LYS A 189 20.54 8.18 32.89
CA LYS A 189 20.05 7.10 32.06
C LYS A 189 19.49 7.56 30.72
N THR A 190 19.49 6.66 29.74
CA THR A 190 18.97 6.94 28.40
C THR A 190 17.52 6.55 28.33
N ILE A 191 16.72 7.42 27.75
CA ILE A 191 15.30 7.17 27.60
C ILE A 191 15.04 7.21 26.11
N VAL A 192 14.12 6.37 25.64
CA VAL A 192 13.76 6.36 24.22
C VAL A 192 12.25 6.33 24.14
N ASP A 193 11.66 7.50 23.89
CA ASP A 193 10.22 7.57 23.78
C ASP A 193 9.91 7.17 22.35
N THR A 194 9.43 5.95 22.19
CA THR A 194 9.11 5.41 20.88
C THR A 194 8.05 6.23 20.15
N ALA A 195 7.37 7.07 20.90
CA ALA A 195 6.35 7.92 20.33
C ALA A 195 6.95 8.99 19.41
N ASN A 196 8.23 9.30 19.58
CA ASN A 196 8.88 10.30 18.73
C ASN A 196 9.26 9.70 17.38
N ILE A 197 9.06 8.40 17.22
CA ILE A 197 9.38 7.76 15.94
C ILE A 197 8.07 7.50 15.26
N LYS A 198 7.78 8.27 14.22
CA LYS A 198 6.54 8.10 13.47
C LYS A 198 6.78 7.18 12.28
N VAL A 199 6.10 6.05 12.30
CA VAL A 199 6.22 5.09 11.22
C VAL A 199 4.94 5.21 10.38
N ASP A 200 5.08 5.13 9.07
CA ASP A 200 3.94 5.21 8.19
C ASP A 200 4.28 4.27 7.04
N LYS A 201 3.40 4.14 6.06
CA LYS A 201 3.67 3.26 4.95
C LYS A 201 2.91 3.72 3.73
N LYS A 202 3.37 3.29 2.57
CA LYS A 202 2.74 3.67 1.32
C LYS A 202 3.10 2.61 0.30
N ASN A 203 2.05 1.99 -0.24
CA ASN A 203 2.13 0.91 -1.23
C ASN A 203 3.24 0.83 -2.25
N GLY A 204 3.69 1.97 -2.76
CA GLY A 204 4.76 1.96 -3.76
C GLY A 204 5.79 0.86 -3.57
N GLY A 205 5.96 0.05 -4.59
CA GLY A 205 6.87 -1.07 -4.51
C GLY A 205 8.33 -0.75 -4.32
N SER A 206 8.93 -1.36 -3.30
CA SER A 206 10.36 -1.17 -3.03
C SER A 206 10.96 -1.74 -1.74
N VAL A 207 10.39 -1.42 -0.58
CA VAL A 207 10.94 -1.90 0.71
C VAL A 207 12.31 -1.29 1.02
N ASN A 208 13.04 -0.92 -0.02
CA ASN A 208 14.36 -0.29 0.09
C ASN A 208 14.10 1.18 0.02
N ASP A 209 12.98 1.54 -0.60
CA ASP A 209 12.61 2.94 -0.73
C ASP A 209 12.13 3.48 0.61
N THR A 210 12.16 2.64 1.64
CA THR A 210 11.75 3.04 2.96
C THR A 210 12.66 4.18 3.35
N GLN A 211 12.07 5.37 3.42
CA GLN A 211 12.80 6.57 3.75
C GLN A 211 12.84 6.79 5.25
N PHE A 212 13.95 7.36 5.70
CA PHE A 212 14.15 7.71 7.10
C PHE A 212 14.07 9.23 7.06
N ILE A 213 12.95 9.78 7.49
CA ILE A 213 12.84 11.23 7.45
C ILE A 213 13.19 11.89 8.77
N SER A 214 14.18 12.77 8.73
CA SER A 214 14.59 13.50 9.93
C SER A 214 13.58 14.60 10.17
N GLY A 215 12.35 14.19 10.43
CA GLY A 215 11.29 15.14 10.66
C GLY A 215 9.97 14.39 10.80
N ILE A 216 8.87 15.08 10.61
CA ILE A 216 7.59 14.45 10.72
C ILE A 216 6.89 14.44 9.37
N VAL A 217 6.42 13.27 9.01
CA VAL A 217 5.71 13.10 7.77
C VAL A 217 4.20 13.05 8.07
N ILE A 218 3.40 13.71 7.25
CA ILE A 218 1.95 13.77 7.43
C ILE A 218 1.27 13.32 6.16
N ASP A 219 0.50 12.25 6.22
CA ASP A 219 -0.18 11.76 5.03
C ASP A 219 -1.31 12.70 4.71
N LYS A 220 -0.97 13.87 4.18
CA LYS A 220 -1.94 14.89 3.85
C LYS A 220 -1.43 15.76 2.71
N GLU A 221 -2.35 16.36 1.97
CA GLU A 221 -1.99 17.21 0.84
C GLU A 221 -2.24 18.62 1.27
N LYS A 222 -1.72 19.61 0.54
CA LYS A 222 -2.04 20.98 0.90
C LYS A 222 -3.48 21.14 0.42
N VAL A 223 -4.32 21.91 1.12
CA VAL A 223 -5.73 22.06 0.76
C VAL A 223 -6.06 22.73 -0.53
N HIS A 224 -5.16 23.55 -1.04
CA HIS A 224 -5.44 24.30 -2.25
C HIS A 224 -4.31 24.33 -3.27
N SER A 225 -4.64 24.09 -4.54
CA SER A 225 -3.64 24.05 -5.61
C SER A 225 -2.61 25.16 -5.64
N LYS A 226 -3.08 26.41 -5.63
CA LYS A 226 -2.16 27.54 -5.68
C LYS A 226 -1.21 27.71 -4.49
N MET A 227 -1.34 26.88 -3.45
CA MET A 227 -0.47 27.01 -2.28
C MET A 227 0.94 26.57 -2.63
N PRO A 228 1.95 27.21 -2.02
CA PRO A 228 3.35 26.88 -2.27
C PRO A 228 3.64 25.41 -2.18
N ASP A 229 4.32 24.90 -3.19
CA ASP A 229 4.67 23.49 -3.26
C ASP A 229 5.66 23.15 -2.16
N VAL A 230 6.35 24.17 -1.64
CA VAL A 230 7.33 24.01 -0.58
C VAL A 230 7.55 25.34 0.15
N VAL A 231 7.84 25.23 1.45
CA VAL A 231 8.02 26.36 2.32
C VAL A 231 9.29 26.24 3.16
N LYS A 232 10.26 27.11 2.89
CA LYS A 232 11.53 27.09 3.62
C LYS A 232 11.39 27.95 4.83
N ASN A 233 12.20 27.67 5.86
CA ASN A 233 12.19 28.41 7.12
C ASN A 233 10.75 28.75 7.53
N ALA A 234 9.98 27.70 7.77
CA ALA A 234 8.57 27.81 8.10
C ALA A 234 8.16 28.10 9.54
N LYS A 235 7.19 29.00 9.69
CA LYS A 235 6.63 29.35 10.98
C LYS A 235 5.29 28.61 10.93
N ILE A 236 5.25 27.49 11.67
CA ILE A 236 4.12 26.57 11.70
C ILE A 236 3.04 26.76 12.77
N ALA A 237 1.81 27.05 12.36
CA ALA A 237 0.70 27.23 13.31
C ALA A 237 -0.21 26.04 13.33
N LEU A 238 -0.31 25.39 14.48
CA LEU A 238 -1.18 24.21 14.63
C LEU A 238 -2.55 24.71 15.14
N ILE A 239 -3.63 24.37 14.44
CA ILE A 239 -4.95 24.85 14.82
C ILE A 239 -5.99 23.79 15.12
N ASP A 240 -6.52 23.92 16.32
CA ASP A 240 -7.51 23.05 16.92
C ASP A 240 -8.88 23.15 16.27
N SER A 241 -9.26 24.38 15.93
CA SER A 241 -10.57 24.69 15.34
C SER A 241 -10.67 24.56 13.82
N ALA A 242 -11.87 24.65 13.27
CA ALA A 242 -12.03 24.56 11.83
C ALA A 242 -12.19 25.98 11.29
N LEU A 243 -11.43 26.32 10.24
CA LEU A 243 -11.51 27.65 9.63
C LEU A 243 -12.80 27.69 8.85
N GLU A 244 -13.92 27.74 9.56
CA GLU A 244 -15.23 27.73 8.94
C GLU A 244 -16.16 28.66 9.66
N ILE A 245 -17.29 28.96 9.02
CA ILE A 245 -18.31 29.84 9.62
C ILE A 245 -18.93 29.15 10.81
N LYS A 246 -18.79 29.79 11.98
CA LYS A 246 -19.32 29.25 13.22
C LYS A 246 -20.65 29.90 13.58
N LYS A 247 -21.47 29.13 14.28
CA LYS A 247 -22.77 29.61 14.71
C LYS A 247 -22.83 29.69 16.24
N THR A 248 -23.52 30.73 16.70
CA THR A 248 -23.69 31.00 18.12
C THR A 248 -24.45 29.85 18.78
N GLU A 249 -24.02 29.43 19.98
CA GLU A 249 -24.64 28.35 20.73
C GLU A 249 -26.14 28.51 20.97
N ILE A 250 -26.59 29.75 21.09
CA ILE A 250 -28.00 30.03 21.29
C ILE A 250 -28.58 30.25 19.91
N GLU A 251 -29.54 29.42 19.50
CA GLU A 251 -30.16 29.51 18.17
C GLU A 251 -30.38 30.94 17.69
N ALA A 252 -29.96 31.21 16.47
CA ALA A 252 -30.11 32.53 15.90
C ALA A 252 -30.85 32.49 14.60
N LYS A 253 -31.47 33.61 14.29
CA LYS A 253 -32.20 33.76 13.06
C LYS A 253 -31.92 35.17 12.59
N VAL A 254 -31.86 35.32 11.28
CA VAL A 254 -31.59 36.58 10.64
C VAL A 254 -32.85 37.01 9.92
N GLN A 255 -33.34 38.20 10.24
CA GLN A 255 -34.54 38.74 9.62
C GLN A 255 -34.15 39.84 8.67
N ILE A 256 -34.30 39.60 7.37
CA ILE A 256 -33.98 40.62 6.39
C ILE A 256 -35.30 41.29 5.98
N SER A 257 -35.35 42.61 6.15
CA SER A 257 -36.54 43.37 5.85
C SER A 257 -36.29 44.24 4.62
N ASP A 258 -35.01 44.47 4.34
CA ASP A 258 -34.57 45.26 3.21
C ASP A 258 -33.81 44.35 2.26
N PRO A 259 -34.15 44.39 0.95
CA PRO A 259 -33.50 43.55 -0.05
C PRO A 259 -31.98 43.73 -0.03
N SER A 260 -31.55 44.97 0.14
CA SER A 260 -30.13 45.35 0.19
C SER A 260 -29.30 44.49 1.14
N LYS A 261 -29.82 44.28 2.34
CA LYS A 261 -29.12 43.52 3.35
C LYS A 261 -28.75 42.12 2.91
N ILE A 262 -29.55 41.50 2.06
CA ILE A 262 -29.25 40.14 1.62
C ILE A 262 -27.83 39.98 1.15
N GLN A 263 -27.27 41.02 0.56
CA GLN A 263 -25.89 40.99 0.08
C GLN A 263 -24.94 41.23 1.25
N ASP A 264 -25.25 42.24 2.06
CA ASP A 264 -24.45 42.62 3.21
C ASP A 264 -24.17 41.40 4.07
N PHE A 265 -25.20 40.58 4.29
CA PHE A 265 -25.05 39.37 5.09
C PHE A 265 -24.14 38.36 4.42
N LEU A 266 -24.21 38.27 3.10
CA LEU A 266 -23.36 37.36 2.34
C LEU A 266 -21.92 37.86 2.41
N ASN A 267 -21.75 39.15 2.61
CA ASN A 267 -20.42 39.70 2.69
C ASN A 267 -19.82 39.46 4.05
N GLN A 268 -20.62 39.58 5.10
CA GLN A 268 -20.10 39.36 6.45
C GLN A 268 -19.35 38.03 6.40
N GLU A 269 -19.99 37.02 5.82
CA GLU A 269 -19.38 35.70 5.68
C GLU A 269 -17.98 35.76 5.06
N THR A 270 -17.88 36.40 3.90
CA THR A 270 -16.60 36.54 3.25
C THR A 270 -15.57 37.23 4.12
N ASN A 271 -15.94 38.40 4.64
CA ASN A 271 -15.06 39.18 5.50
C ASN A 271 -14.67 38.42 6.75
N THR A 272 -15.50 37.44 7.11
CA THR A 272 -15.20 36.59 8.26
C THR A 272 -13.97 35.75 7.89
N PHE A 273 -14.03 35.04 6.78
CA PHE A 273 -12.91 34.22 6.33
C PHE A 273 -11.67 35.04 6.05
N LYS A 274 -11.84 36.24 5.49
CA LYS A 274 -10.70 37.10 5.23
C LYS A 274 -9.96 37.37 6.54
N GLN A 275 -10.69 37.75 7.58
CA GLN A 275 -10.06 38.02 8.86
C GLN A 275 -9.36 36.81 9.48
N MET A 276 -9.96 35.63 9.43
CA MET A 276 -9.34 34.41 9.97
C MET A 276 -7.94 34.31 9.36
N VAL A 277 -7.91 34.45 8.04
CA VAL A 277 -6.68 34.41 7.29
C VAL A 277 -5.76 35.54 7.77
N GLU A 278 -6.33 36.73 7.97
CA GLU A 278 -5.56 37.86 8.44
C GLU A 278 -4.89 37.58 9.79
N LYS A 279 -5.64 37.05 10.76
CA LYS A 279 -5.10 36.72 12.07
C LYS A 279 -3.89 35.80 11.84
N ILE A 280 -4.10 34.79 11.02
CA ILE A 280 -3.05 33.84 10.72
C ILE A 280 -1.84 34.55 10.14
N LYS A 281 -2.02 35.36 9.10
CA LYS A 281 -0.86 36.04 8.54
C LYS A 281 -0.14 36.93 9.56
N LYS A 282 -0.92 37.70 10.31
CA LYS A 282 -0.38 38.59 11.33
C LYS A 282 0.57 37.91 12.31
N SER A 283 0.30 36.64 12.65
CA SER A 283 1.16 35.91 13.57
C SER A 283 2.55 35.61 12.98
N GLY A 284 2.63 35.60 11.66
CA GLY A 284 3.91 35.31 11.02
C GLY A 284 3.87 33.93 10.41
N ALA A 285 2.89 33.12 10.84
CA ALA A 285 2.71 31.77 10.35
C ALA A 285 2.56 31.79 8.84
N ASN A 286 3.21 30.86 8.17
CA ASN A 286 3.15 30.76 6.73
C ASN A 286 2.72 29.35 6.38
N VAL A 287 2.56 28.52 7.41
CA VAL A 287 2.13 27.13 7.27
C VAL A 287 1.05 26.91 8.33
N VAL A 288 -0.12 26.44 7.90
CA VAL A 288 -1.22 26.22 8.82
C VAL A 288 -1.64 24.77 8.79
N LEU A 289 -1.46 24.05 9.90
CA LEU A 289 -1.86 22.66 9.98
C LEU A 289 -3.12 22.60 10.86
N CYS A 290 -4.27 22.40 10.23
CA CYS A 290 -5.55 22.40 10.91
C CYS A 290 -6.12 21.04 11.22
N GLN A 291 -6.33 20.80 12.51
CA GLN A 291 -6.88 19.53 12.95
C GLN A 291 -8.28 19.31 12.39
N LYS A 292 -8.96 20.39 12.06
CA LYS A 292 -10.29 20.28 11.51
C LYS A 292 -10.39 20.79 10.07
N GLY A 293 -11.60 21.09 9.62
CA GLY A 293 -11.77 21.52 8.26
C GLY A 293 -11.36 22.94 7.94
N ILE A 294 -11.41 23.24 6.64
CA ILE A 294 -11.06 24.56 6.13
C ILE A 294 -12.05 24.88 5.01
N ASP A 295 -12.70 26.03 5.11
CA ASP A 295 -13.67 26.44 4.11
C ASP A 295 -12.98 26.88 2.82
N ASP A 296 -13.65 26.64 1.69
CA ASP A 296 -13.13 27.01 0.39
C ASP A 296 -12.80 28.50 0.23
N VAL A 297 -13.49 29.35 0.96
CA VAL A 297 -13.20 30.76 0.88
C VAL A 297 -11.99 31.05 1.75
N ALA A 298 -11.86 30.32 2.86
CA ALA A 298 -10.72 30.47 3.75
C ALA A 298 -9.51 30.06 2.91
N GLN A 299 -9.65 28.91 2.25
CA GLN A 299 -8.64 28.38 1.35
C GLN A 299 -8.23 29.44 0.29
N HIS A 300 -9.23 30.10 -0.31
CA HIS A 300 -8.97 31.14 -1.30
C HIS A 300 -7.98 32.14 -0.79
N TYR A 301 -8.26 32.67 0.38
CA TYR A 301 -7.37 33.67 0.93
C TYR A 301 -6.08 33.15 1.54
N LEU A 302 -6.08 31.95 2.11
CA LEU A 302 -4.83 31.40 2.65
C LEU A 302 -3.90 31.29 1.46
N ALA A 303 -4.44 30.85 0.32
CA ALA A 303 -3.67 30.70 -0.90
C ALA A 303 -3.24 32.07 -1.40
N LYS A 304 -4.14 33.03 -1.36
CA LYS A 304 -3.81 34.36 -1.80
C LYS A 304 -2.68 34.93 -0.93
N GLU A 305 -2.67 34.57 0.33
CA GLU A 305 -1.65 35.02 1.26
C GLU A 305 -0.39 34.22 1.07
N GLY A 306 -0.50 33.08 0.41
CA GLY A 306 0.64 32.20 0.15
C GLY A 306 0.99 31.30 1.32
N ILE A 307 0.00 30.99 2.15
CA ILE A 307 0.22 30.13 3.30
C ILE A 307 -0.09 28.68 2.91
N TYR A 308 0.78 27.76 3.31
CA TYR A 308 0.61 26.34 3.03
C TYR A 308 -0.30 25.77 4.11
N ALA A 309 -1.53 25.41 3.76
CA ALA A 309 -2.47 24.85 4.73
C ALA A 309 -2.80 23.39 4.47
N VAL A 310 -3.16 22.67 5.53
CA VAL A 310 -3.50 21.25 5.46
C VAL A 310 -4.67 21.06 6.42
N ARG A 311 -5.76 20.47 5.96
CA ARG A 311 -6.93 20.31 6.82
C ARG A 311 -7.11 18.91 7.35
N ARG A 312 -7.97 18.82 8.36
CA ARG A 312 -8.31 17.56 8.99
C ARG A 312 -7.11 16.71 9.39
N VAL A 313 -6.10 17.37 9.94
CA VAL A 313 -4.88 16.69 10.40
C VAL A 313 -5.21 15.87 11.64
N LYS A 314 -4.77 14.61 11.64
CA LYS A 314 -5.02 13.70 12.76
C LYS A 314 -4.51 14.23 14.10
N LYS A 315 -5.35 14.21 15.13
CA LYS A 315 -4.96 14.68 16.46
C LYS A 315 -3.64 14.06 16.90
N SER A 316 -3.48 12.76 16.64
CA SER A 316 -2.25 12.04 17.00
C SER A 316 -1.11 12.84 16.43
N ASP A 317 -1.24 13.19 15.17
CA ASP A 317 -0.23 13.96 14.48
C ASP A 317 -0.10 15.38 15.04
N MET A 318 -1.24 16.07 15.20
CA MET A 318 -1.26 17.42 15.72
C MET A 318 -0.36 17.49 16.92
N GLU A 319 -0.40 16.41 17.70
CA GLU A 319 0.41 16.29 18.90
C GLU A 319 1.89 16.07 18.61
N LYS A 320 2.23 15.09 17.78
CA LYS A 320 3.64 14.86 17.45
C LYS A 320 4.21 16.14 16.87
N LEU A 321 3.50 16.74 15.91
CA LEU A 321 3.94 17.99 15.28
C LEU A 321 4.20 19.09 16.29
N ALA A 322 3.29 19.23 17.25
CA ALA A 322 3.45 20.22 18.29
C ALA A 322 4.78 19.99 18.99
N LYS A 323 5.04 18.73 19.33
CA LYS A 323 6.27 18.35 20.02
C LYS A 323 7.53 18.52 19.18
N ALA A 324 7.47 18.12 17.92
CA ALA A 324 8.62 18.22 17.03
C ALA A 324 9.02 19.64 16.64
N THR A 325 8.05 20.49 16.35
CA THR A 325 8.34 21.85 15.93
C THR A 325 8.28 22.88 17.05
N GLY A 326 7.87 22.44 18.23
CA GLY A 326 7.76 23.35 19.36
C GLY A 326 6.55 24.29 19.37
N ALA A 327 5.59 24.07 18.48
CA ALA A 327 4.38 24.92 18.38
C ALA A 327 3.36 24.60 19.46
N LYS A 328 2.48 25.54 19.76
CA LYS A 328 1.40 25.32 20.74
C LYS A 328 0.11 25.15 19.96
N ILE A 329 -0.67 24.12 20.31
CA ILE A 329 -1.94 23.91 19.61
C ILE A 329 -2.91 24.96 20.11
N VAL A 330 -3.31 25.85 19.21
CA VAL A 330 -4.22 26.94 19.53
C VAL A 330 -5.60 26.73 18.87
N THR A 331 -6.65 27.05 19.63
CA THR A 331 -8.02 26.94 19.15
C THR A 331 -8.46 28.34 18.74
N ASP A 332 -8.52 29.25 19.71
CA ASP A 332 -8.96 30.61 19.42
C ASP A 332 -7.90 31.38 18.64
N LEU A 333 -8.13 31.63 17.36
CA LEU A 333 -7.17 32.38 16.56
C LEU A 333 -6.79 33.71 17.20
N ASP A 334 -7.47 34.12 18.26
CA ASP A 334 -7.12 35.38 18.89
C ASP A 334 -5.91 35.20 19.75
N ASP A 335 -5.62 33.95 20.10
CA ASP A 335 -4.46 33.64 20.91
C ASP A 335 -3.40 33.00 20.02
N LEU A 336 -3.38 33.45 18.76
CA LEU A 336 -2.42 32.96 17.77
C LEU A 336 -1.36 34.07 17.60
N THR A 337 -0.41 34.01 18.51
CA THR A 337 0.69 34.94 18.59
C THR A 337 1.92 34.23 18.08
N PRO A 338 2.95 34.99 17.68
CA PRO A 338 4.21 34.43 17.17
C PRO A 338 4.85 33.48 18.19
N SER A 339 4.53 33.70 19.46
CA SER A 339 5.05 32.90 20.55
C SER A 339 4.69 31.42 20.47
N VAL A 340 3.55 31.11 19.86
CA VAL A 340 3.09 29.73 19.78
C VAL A 340 3.25 29.04 18.43
N LEU A 341 4.08 29.60 17.55
CA LEU A 341 4.33 29.01 16.23
C LEU A 341 5.53 28.05 16.29
N GLY A 342 5.47 26.94 15.56
CA GLY A 342 6.59 26.00 15.56
C GLY A 342 7.60 26.29 14.45
N GLU A 343 8.71 25.58 14.45
CA GLU A 343 9.73 25.82 13.44
C GLU A 343 10.20 24.58 12.69
N ALA A 344 10.44 24.77 11.41
CA ALA A 344 10.92 23.71 10.51
C ALA A 344 11.62 24.37 9.32
N GLU A 345 12.83 23.93 9.02
CA GLU A 345 13.59 24.50 7.93
C GLU A 345 12.80 24.45 6.66
N THR A 346 12.06 23.36 6.48
CA THR A 346 11.28 23.18 5.28
C THR A 346 10.00 22.44 5.55
N VAL A 347 8.93 22.87 4.89
CA VAL A 347 7.64 22.23 4.95
C VAL A 347 7.38 22.08 3.48
N GLU A 348 7.41 20.86 2.98
CA GLU A 348 7.20 20.63 1.56
C GLU A 348 6.32 19.44 1.24
N GLU A 349 5.47 19.62 0.25
CA GLU A 349 4.60 18.56 -0.18
C GLU A 349 5.39 17.79 -1.23
N ARG A 350 5.36 16.47 -1.14
CA ARG A 350 6.06 15.66 -2.14
C ARG A 350 5.23 14.40 -2.38
N LYS A 351 5.18 13.97 -3.65
CA LYS A 351 4.39 12.83 -4.03
C LYS A 351 5.06 11.50 -3.79
N ILE A 352 4.64 10.83 -2.72
CA ILE A 352 5.19 9.54 -2.37
C ILE A 352 4.20 8.50 -2.88
N GLY A 353 4.54 7.86 -4.00
CA GLY A 353 3.67 6.84 -4.57
C GLY A 353 2.56 7.46 -5.39
N ASP A 354 1.33 7.05 -5.14
CA ASP A 354 0.22 7.65 -5.86
C ASP A 354 -0.22 8.87 -5.05
N ASP A 355 0.07 8.82 -3.76
CA ASP A 355 -0.28 9.86 -2.79
C ASP A 355 0.70 11.01 -2.61
N ARG A 356 0.14 12.19 -2.36
CA ARG A 356 0.91 13.38 -2.09
C ARG A 356 0.90 13.49 -0.56
N MET A 357 2.06 13.77 0.03
CA MET A 357 2.18 13.86 1.46
C MET A 357 2.95 15.11 1.83
N THR A 358 2.68 15.59 3.02
CA THR A 358 3.31 16.79 3.53
C THR A 358 4.51 16.48 4.40
N PHE A 359 5.70 16.88 3.96
CA PHE A 359 6.96 16.68 4.71
C PHE A 359 7.39 17.88 5.53
N VAL A 360 7.45 17.69 6.86
CA VAL A 360 7.85 18.74 7.79
C VAL A 360 9.25 18.36 8.29
N MET A 361 10.28 19.01 7.73
CA MET A 361 11.66 18.71 8.09
C MET A 361 12.41 19.89 8.67
N GLY A 362 13.37 19.58 9.54
CA GLY A 362 14.16 20.63 10.18
C GLY A 362 13.41 21.19 11.38
N CYS A 363 12.65 20.33 12.02
CA CYS A 363 11.87 20.71 13.15
C CYS A 363 12.73 21.30 14.26
N LYS A 364 12.19 22.28 14.98
CA LYS A 364 12.89 22.93 16.07
C LYS A 364 13.51 21.87 16.97
N ASN A 365 12.74 20.81 17.23
CA ASN A 365 13.15 19.67 18.08
C ASN A 365 13.52 18.46 17.22
N PRO A 366 14.82 18.10 17.22
CA PRO A 366 15.41 16.98 16.48
C PRO A 366 14.99 15.59 16.94
N LYS A 367 14.63 15.45 18.21
CA LYS A 367 14.21 14.16 18.73
C LYS A 367 12.81 13.76 18.28
N ALA A 368 12.59 13.77 16.97
CA ALA A 368 11.32 13.42 16.33
C ALA A 368 11.66 13.07 14.89
N VAL A 369 11.46 11.80 14.54
CA VAL A 369 11.77 11.25 13.21
C VAL A 369 10.66 10.34 12.64
N SER A 370 10.77 10.01 11.35
CA SER A 370 9.79 9.16 10.69
C SER A 370 10.45 8.03 9.90
N ILE A 371 9.66 7.00 9.60
CA ILE A 371 10.11 5.87 8.80
C ILE A 371 8.94 5.65 7.84
N LEU A 372 9.07 6.15 6.61
CA LEU A 372 8.02 6.04 5.60
C LEU A 372 8.22 4.71 4.89
N ILE A 373 7.44 3.71 5.29
CA ILE A 373 7.53 2.35 4.75
C ILE A 373 6.93 2.14 3.34
N ARG A 374 7.71 1.53 2.44
CA ARG A 374 7.29 1.23 1.06
C ARG A 374 7.40 -0.28 0.85
N GLY A 375 6.78 -0.81 -0.21
CA GLY A 375 6.87 -2.24 -0.41
C GLY A 375 6.01 -2.98 -1.43
N GLY A 376 5.00 -2.33 -1.98
CA GLY A 376 4.18 -3.01 -2.96
C GLY A 376 2.90 -3.59 -2.39
N THR A 377 2.35 -4.56 -3.10
CA THR A 377 1.11 -5.24 -2.73
C THR A 377 0.19 -4.39 -1.89
N ASP A 378 0.40 -4.46 -0.57
CA ASP A 378 -0.37 -3.79 0.46
C ASP A 378 -0.16 -4.72 1.63
N HIS A 379 -0.51 -5.99 1.41
CA HIS A 379 -0.37 -7.02 2.39
C HIS A 379 1.07 -7.16 2.82
N VAL A 380 2.00 -6.78 1.95
CA VAL A 380 3.40 -6.86 2.31
C VAL A 380 3.80 -5.62 3.12
N VAL A 381 3.25 -4.46 2.81
CA VAL A 381 3.62 -3.26 3.54
C VAL A 381 3.14 -3.27 5.00
N SER A 382 1.89 -3.70 5.23
CA SER A 382 1.33 -3.78 6.57
C SER A 382 2.20 -4.62 7.50
N GLU A 383 2.55 -5.82 7.05
CA GLU A 383 3.39 -6.73 7.83
C GLU A 383 4.79 -6.17 8.02
N VAL A 384 5.41 -5.67 6.97
CA VAL A 384 6.74 -5.11 7.10
C VAL A 384 6.69 -4.04 8.17
N GLU A 385 5.55 -3.36 8.26
CA GLU A 385 5.39 -2.34 9.27
C GLU A 385 5.33 -3.04 10.60
N ARG A 386 4.56 -4.11 10.70
CA ARG A 386 4.47 -4.86 11.95
C ARG A 386 5.84 -5.37 12.41
N ALA A 387 6.66 -5.78 11.45
CA ALA A 387 7.99 -6.29 11.75
C ALA A 387 8.86 -5.13 12.22
N LEU A 388 8.83 -4.03 11.48
CA LEU A 388 9.62 -2.89 11.87
C LEU A 388 9.27 -2.36 13.26
N ASN A 389 8.05 -2.60 13.73
CA ASN A 389 7.64 -2.13 15.05
C ASN A 389 8.24 -2.96 16.16
N ASP A 390 8.26 -4.27 15.97
CA ASP A 390 8.86 -5.17 16.95
C ASP A 390 10.31 -4.74 17.09
N ALA A 391 10.97 -4.55 15.95
CA ALA A 391 12.35 -4.12 15.91
C ALA A 391 12.53 -2.78 16.65
N ILE A 392 11.70 -1.80 16.32
CA ILE A 392 11.79 -0.49 16.97
C ILE A 392 11.63 -0.60 18.47
N ARG A 393 10.64 -1.37 18.92
CA ARG A 393 10.40 -1.49 20.34
C ARG A 393 11.56 -2.12 21.09
N VAL A 394 12.05 -3.26 20.61
CA VAL A 394 13.17 -3.94 21.29
C VAL A 394 14.50 -3.20 21.20
N VAL A 395 14.77 -2.56 20.07
CA VAL A 395 16.01 -1.81 19.95
C VAL A 395 15.94 -0.70 20.98
N ALA A 396 14.77 -0.10 21.11
CA ALA A 396 14.56 0.96 22.08
C ALA A 396 14.82 0.45 23.49
N ILE A 397 14.14 -0.63 23.87
CA ILE A 397 14.31 -1.22 25.21
C ILE A 397 15.78 -1.46 25.45
N THR A 398 16.39 -2.23 24.58
CA THR A 398 17.80 -2.56 24.70
C THR A 398 18.64 -1.31 24.88
N LYS A 399 18.31 -0.25 24.15
CA LYS A 399 19.05 1.00 24.28
C LYS A 399 19.01 1.46 25.74
N GLU A 400 17.86 1.31 26.38
CA GLU A 400 17.70 1.73 27.76
C GLU A 400 18.30 0.76 28.77
N ASP A 401 18.00 -0.51 28.59
CA ASP A 401 18.43 -1.56 29.50
C ASP A 401 19.91 -1.89 29.36
N GLY A 402 20.43 -1.70 28.17
CA GLY A 402 21.82 -2.01 27.93
C GLY A 402 22.18 -3.46 28.18
N LYS A 403 21.20 -4.32 28.45
CA LYS A 403 21.48 -5.74 28.68
C LYS A 403 20.71 -6.59 27.64
N PHE A 404 21.18 -7.80 27.39
CA PHE A 404 20.50 -8.69 26.45
C PHE A 404 20.82 -10.14 26.77
N LEU A 405 20.28 -11.08 25.99
CA LEU A 405 20.47 -12.51 26.25
C LEU A 405 20.80 -13.28 24.98
N TRP A 406 21.26 -14.50 25.14
CA TRP A 406 21.58 -15.32 24.00
C TRP A 406 20.33 -15.95 23.41
N GLY A 407 19.98 -15.52 22.21
CA GLY A 407 18.80 -16.04 21.55
C GLY A 407 18.78 -17.49 21.08
N GLY A 408 17.70 -17.81 20.36
CA GLY A 408 17.49 -19.12 19.80
C GLY A 408 17.60 -20.31 20.72
N GLY A 409 16.76 -20.38 21.75
CA GLY A 409 16.78 -21.52 22.67
C GLY A 409 17.87 -21.54 23.72
N ALA A 410 18.88 -20.67 23.56
CA ALA A 410 20.01 -20.58 24.47
C ALA A 410 19.61 -20.25 25.90
N VAL A 411 19.07 -19.06 26.11
CA VAL A 411 18.61 -18.61 27.42
C VAL A 411 17.77 -19.72 28.08
N GLU A 412 16.78 -20.21 27.36
CA GLU A 412 15.91 -21.26 27.86
C GLU A 412 16.68 -22.51 28.31
N ALA A 413 17.53 -23.02 27.43
CA ALA A 413 18.31 -24.23 27.72
C ALA A 413 19.09 -24.06 29.00
N GLU A 414 19.69 -22.90 29.17
CA GLU A 414 20.45 -22.61 30.37
C GLU A 414 19.54 -22.62 31.59
N LEU A 415 18.50 -21.80 31.54
CA LEU A 415 17.51 -21.69 32.62
C LEU A 415 16.97 -23.04 33.00
N ALA A 416 16.65 -23.84 32.01
CA ALA A 416 16.14 -25.17 32.25
C ALA A 416 17.19 -25.99 33.05
N MET A 417 18.44 -25.96 32.60
CA MET A 417 19.52 -26.72 33.27
C MET A 417 19.70 -26.29 34.71
N ARG A 418 19.80 -24.99 34.93
CA ARG A 418 19.97 -24.47 36.27
C ARG A 418 18.73 -24.76 37.10
N LEU A 419 17.54 -24.48 36.58
CA LEU A 419 16.30 -24.70 37.35
C LEU A 419 16.07 -26.14 37.75
N ALA A 420 16.49 -27.09 36.93
CA ALA A 420 16.31 -28.49 37.31
C ALA A 420 17.22 -28.83 38.49
N LYS A 421 18.29 -28.06 38.66
CA LYS A 421 19.26 -28.25 39.75
C LYS A 421 18.73 -27.62 41.02
N TYR A 422 18.15 -26.44 40.86
CA TYR A 422 17.55 -25.69 41.96
C TYR A 422 16.38 -26.53 42.48
N ALA A 423 15.73 -27.27 41.58
CA ALA A 423 14.61 -28.12 41.95
C ALA A 423 14.99 -29.09 43.06
N ASN A 424 16.13 -29.76 42.90
CA ASN A 424 16.61 -30.71 43.90
C ASN A 424 16.82 -30.05 45.25
N SER A 425 17.24 -28.80 45.23
CA SER A 425 17.47 -28.08 46.47
C SER A 425 16.16 -27.56 47.03
N VAL A 426 15.06 -28.15 46.60
CA VAL A 426 13.75 -27.73 47.06
C VAL A 426 12.98 -28.97 47.54
N GLY A 427 11.88 -28.72 48.25
CA GLY A 427 11.05 -29.78 48.78
C GLY A 427 10.60 -30.85 47.81
N GLY A 428 9.78 -31.78 48.33
CA GLY A 428 9.27 -32.88 47.56
C GLY A 428 8.32 -32.42 46.47
N ARG A 429 7.10 -32.06 46.85
CA ARG A 429 6.14 -31.61 45.86
C ARG A 429 6.61 -30.43 45.03
N GLU A 430 7.06 -29.35 45.66
CA GLU A 430 7.53 -28.21 44.87
C GLU A 430 8.63 -28.59 43.87
N GLN A 431 9.51 -29.52 44.23
CA GLN A 431 10.56 -29.91 43.31
C GLN A 431 9.87 -30.34 42.03
N LEU A 432 9.00 -31.34 42.15
CA LEU A 432 8.25 -31.87 41.01
C LEU A 432 7.71 -30.72 40.15
N ALA A 433 7.15 -29.72 40.83
CA ALA A 433 6.58 -28.54 40.20
C ALA A 433 7.63 -27.71 39.43
N ILE A 434 8.81 -27.52 40.03
CA ILE A 434 9.87 -26.73 39.39
C ILE A 434 10.57 -27.52 38.28
N GLU A 435 10.61 -28.84 38.40
CA GLU A 435 11.19 -29.66 37.36
C GLU A 435 10.26 -29.47 36.14
N ALA A 436 8.95 -29.40 36.40
CA ALA A 436 7.94 -29.18 35.37
C ALA A 436 8.15 -27.85 34.63
N PHE A 437 8.48 -26.81 35.38
CA PHE A 437 8.74 -25.49 34.80
C PHE A 437 10.04 -25.57 33.97
N ALA A 438 11.02 -26.34 34.43
CA ALA A 438 12.26 -26.51 33.70
C ALA A 438 11.99 -27.08 32.32
N LYS A 439 11.18 -28.14 32.25
CA LYS A 439 10.81 -28.76 30.98
C LYS A 439 10.04 -27.79 30.07
N ALA A 440 9.08 -27.06 30.65
CA ALA A 440 8.26 -26.10 29.92
C ALA A 440 9.16 -25.11 29.20
N LEU A 441 10.25 -24.70 29.85
CA LEU A 441 11.18 -23.78 29.22
C LEU A 441 11.82 -24.39 27.96
N GLU A 442 12.00 -25.71 27.91
CA GLU A 442 12.61 -26.34 26.73
C GLU A 442 11.70 -26.32 25.53
N ILE A 443 10.47 -25.84 25.73
CA ILE A 443 9.50 -25.81 24.65
C ILE A 443 9.96 -24.87 23.54
N ILE A 444 10.65 -23.80 23.90
CA ILE A 444 11.11 -22.88 22.88
C ILE A 444 12.11 -23.55 21.94
N PRO A 445 13.26 -24.06 22.46
CA PRO A 445 14.24 -24.72 21.58
C PRO A 445 13.58 -25.75 20.71
N ARG A 446 12.80 -26.63 21.34
CA ARG A 446 12.11 -27.66 20.60
C ARG A 446 11.31 -27.05 19.47
N THR A 447 10.58 -25.98 19.75
CA THR A 447 9.76 -25.31 18.74
C THR A 447 10.59 -24.76 17.59
N LEU A 448 11.58 -23.93 17.90
CA LEU A 448 12.41 -23.38 16.86
C LEU A 448 12.89 -24.50 15.92
N ALA A 449 13.34 -25.59 16.51
CA ALA A 449 13.81 -26.74 15.76
C ALA A 449 12.72 -27.33 14.89
N GLU A 450 11.60 -27.72 15.50
CA GLU A 450 10.48 -28.31 14.79
C GLU A 450 10.13 -27.52 13.55
N ASN A 451 9.99 -26.22 13.71
CA ASN A 451 9.64 -25.37 12.58
C ASN A 451 10.70 -25.42 11.48
N ALA A 452 11.96 -25.39 11.90
CA ALA A 452 13.10 -25.43 10.98
C ALA A 452 13.07 -26.74 10.22
N GLY A 453 12.36 -27.70 10.80
CA GLY A 453 12.24 -29.01 10.19
C GLY A 453 13.29 -29.96 10.73
N ILE A 454 14.02 -29.56 11.77
CA ILE A 454 15.01 -30.48 12.29
C ILE A 454 14.43 -31.36 13.40
N ASP A 455 15.24 -32.25 13.96
CA ASP A 455 14.82 -33.21 15.01
C ASP A 455 14.85 -32.62 16.43
N PRO A 456 13.67 -32.30 16.97
CA PRO A 456 13.45 -31.72 18.29
C PRO A 456 14.28 -32.40 19.35
N ILE A 457 13.98 -33.68 19.58
CA ILE A 457 14.63 -34.46 20.62
C ILE A 457 16.13 -34.46 20.60
N ASN A 458 16.74 -34.74 19.46
CA ASN A 458 18.19 -34.76 19.41
C ASN A 458 18.72 -33.37 19.56
N THR A 459 18.04 -32.41 18.94
CA THR A 459 18.48 -31.04 19.05
C THR A 459 18.56 -30.73 20.53
N LEU A 460 17.49 -31.04 21.24
CA LEU A 460 17.43 -30.79 22.67
C LEU A 460 18.53 -31.51 23.40
N ILE A 461 18.70 -32.79 23.10
CA ILE A 461 19.73 -33.61 23.74
C ILE A 461 21.12 -33.01 23.62
N LYS A 462 21.42 -32.54 22.41
CA LYS A 462 22.71 -31.94 22.07
C LYS A 462 22.87 -30.57 22.71
N LEU A 463 21.79 -29.80 22.67
CA LEU A 463 21.77 -28.45 23.22
C LEU A 463 21.97 -28.46 24.73
N LYS A 464 21.41 -29.46 25.39
CA LYS A 464 21.51 -29.61 26.83
C LYS A 464 22.98 -29.76 27.22
N ALA A 465 23.61 -30.78 26.67
CA ALA A 465 25.03 -31.07 26.91
C ALA A 465 25.94 -29.88 26.67
N ASP A 466 25.85 -29.23 25.52
CA ASP A 466 26.70 -28.09 25.24
C ASP A 466 26.54 -26.99 26.28
N ASP A 467 25.30 -26.74 26.69
CA ASP A 467 25.01 -25.71 27.70
C ASP A 467 25.50 -26.18 29.06
N GLU A 468 25.43 -27.50 29.25
CA GLU A 468 25.86 -28.16 30.48
C GLU A 468 27.37 -28.02 30.65
N LYS A 469 28.12 -28.17 29.55
CA LYS A 469 29.58 -28.02 29.54
C LYS A 469 29.95 -26.55 29.70
N GLY A 470 28.94 -25.71 29.93
CA GLY A 470 29.16 -24.29 30.14
C GLY A 470 28.94 -23.37 28.95
N ARG A 471 28.62 -23.94 27.79
CA ARG A 471 28.41 -23.15 26.58
C ARG A 471 27.07 -22.42 26.63
N ILE A 472 26.99 -21.38 27.45
CA ILE A 472 25.77 -20.59 27.61
C ILE A 472 25.11 -20.32 26.26
N SER A 473 25.88 -19.68 25.39
CA SER A 473 25.41 -19.27 24.10
C SER A 473 25.18 -20.27 22.99
N VAL A 474 25.08 -21.55 23.28
CA VAL A 474 24.77 -22.49 22.20
C VAL A 474 23.25 -22.54 22.03
N GLY A 475 22.76 -22.07 20.88
CA GLY A 475 21.33 -22.08 20.67
C GLY A 475 21.01 -23.08 19.59
N VAL A 476 19.80 -23.03 19.06
CA VAL A 476 19.40 -23.93 18.00
C VAL A 476 19.86 -23.31 16.70
N ASP A 477 20.88 -23.90 16.08
CA ASP A 477 21.43 -23.39 14.82
C ASP A 477 20.80 -24.05 13.62
N LEU A 478 19.77 -23.39 13.09
CA LEU A 478 19.05 -23.86 11.91
C LEU A 478 20.01 -24.05 10.73
N ASP A 479 21.00 -23.15 10.62
CA ASP A 479 22.02 -23.19 9.56
C ASP A 479 22.89 -24.43 9.71
N ASN A 480 23.49 -24.58 10.89
CA ASN A 480 24.32 -25.74 11.19
C ASN A 480 23.43 -26.97 11.23
N ASN A 481 22.12 -26.75 11.10
CA ASN A 481 21.13 -27.81 11.12
C ASN A 481 21.19 -28.55 12.46
N GLY A 482 20.96 -27.80 13.54
CA GLY A 482 20.99 -28.38 14.86
C GLY A 482 21.29 -27.34 15.93
N VAL A 483 22.39 -27.53 16.63
CA VAL A 483 22.80 -26.60 17.68
C VAL A 483 23.93 -25.73 17.14
N GLY A 484 24.28 -24.66 17.84
CA GLY A 484 25.34 -23.79 17.34
C GLY A 484 25.57 -22.64 18.29
N ASP A 485 26.57 -21.82 18.00
CA ASP A 485 26.91 -20.70 18.85
C ASP A 485 26.20 -19.41 18.47
N MET A 486 25.14 -19.11 19.19
CA MET A 486 24.36 -17.91 18.96
C MET A 486 25.18 -16.63 19.10
N LYS A 487 26.26 -16.71 19.87
CA LYS A 487 27.17 -15.58 20.07
C LYS A 487 27.65 -15.07 18.73
N ALA A 488 28.10 -16.02 17.92
CA ALA A 488 28.64 -15.77 16.59
C ALA A 488 27.55 -15.31 15.66
N LYS A 489 26.50 -16.11 15.54
CA LYS A 489 25.40 -15.77 14.66
C LYS A 489 24.74 -14.45 15.06
N GLY A 490 25.04 -14.00 16.27
CA GLY A 490 24.51 -12.76 16.79
C GLY A 490 23.02 -12.77 17.09
N VAL A 491 22.46 -13.92 17.51
CA VAL A 491 21.04 -13.98 17.83
C VAL A 491 20.88 -13.63 19.32
N VAL A 492 20.31 -12.46 19.57
CA VAL A 492 20.17 -11.95 20.91
C VAL A 492 18.76 -11.55 21.33
N ASP A 493 18.32 -12.10 22.44
CA ASP A 493 17.01 -11.79 22.96
C ASP A 493 17.13 -10.67 24.00
N PRO A 494 16.33 -9.59 23.85
CA PRO A 494 16.35 -8.47 24.78
C PRO A 494 15.86 -8.97 26.16
N LEU A 495 16.41 -8.41 27.23
CA LEU A 495 16.04 -8.86 28.57
C LEU A 495 14.56 -8.70 28.92
N ARG A 496 14.11 -7.45 28.96
CA ARG A 496 12.73 -7.09 29.32
C ARG A 496 11.65 -7.99 28.71
N VAL A 497 11.86 -8.42 27.48
CA VAL A 497 10.91 -9.30 26.80
C VAL A 497 10.87 -10.69 27.45
N LYS A 498 12.04 -11.27 27.74
CA LYS A 498 12.12 -12.60 28.37
C LYS A 498 11.38 -12.59 29.68
N THR A 499 11.77 -11.65 30.52
CA THR A 499 11.15 -11.52 31.82
C THR A 499 9.63 -11.31 31.79
N HIS A 500 9.11 -10.37 30.99
CA HIS A 500 7.66 -10.20 30.94
C HIS A 500 6.98 -11.44 30.39
N ALA A 501 7.64 -12.10 29.46
CA ALA A 501 7.09 -13.30 28.89
C ALA A 501 6.95 -14.30 30.04
N LEU A 502 8.06 -14.53 30.78
CA LEU A 502 8.06 -15.48 31.90
C LEU A 502 7.06 -15.10 33.00
N GLU A 503 7.14 -13.87 33.48
CA GLU A 503 6.22 -13.42 34.50
C GLU A 503 4.74 -13.49 34.03
N SER A 504 4.45 -12.98 32.82
CA SER A 504 3.08 -13.00 32.27
C SER A 504 2.57 -14.42 32.23
N ALA A 505 3.38 -15.30 31.67
CA ALA A 505 3.03 -16.70 31.57
C ALA A 505 2.69 -17.33 32.93
N VAL A 506 3.54 -17.14 33.93
CA VAL A 506 3.32 -17.71 35.27
C VAL A 506 2.03 -17.20 35.91
N GLU A 507 1.83 -15.88 35.87
CA GLU A 507 0.62 -15.30 36.45
C GLU A 507 -0.67 -15.87 35.84
N VAL A 508 -0.73 -15.92 34.51
CA VAL A 508 -1.88 -16.47 33.81
C VAL A 508 -1.98 -18.00 33.95
N ALA A 509 -0.84 -18.70 33.97
CA ALA A 509 -0.89 -20.15 34.13
C ALA A 509 -1.51 -20.47 35.47
N THR A 510 -1.08 -19.76 36.52
CA THR A 510 -1.58 -19.94 37.89
C THR A 510 -3.10 -19.68 37.95
N MET A 511 -3.53 -18.57 37.35
CA MET A 511 -4.93 -18.17 37.33
C MET A 511 -5.84 -19.31 36.91
N ILE A 512 -5.48 -19.92 35.78
CA ILE A 512 -6.19 -21.02 35.16
C ILE A 512 -6.09 -22.34 35.96
N LEU A 513 -4.95 -22.55 36.59
CA LEU A 513 -4.69 -23.73 37.40
C LEU A 513 -5.60 -23.85 38.64
N ARG A 514 -5.98 -22.72 39.21
CA ARG A 514 -6.80 -22.73 40.39
C ARG A 514 -8.27 -22.93 40.07
N ILE A 515 -8.69 -22.61 38.86
CA ILE A 515 -10.09 -22.76 38.44
C ILE A 515 -10.47 -24.23 38.43
N ASP A 516 -11.24 -24.64 39.43
CA ASP A 516 -11.65 -26.04 39.55
C ASP A 516 -13.07 -26.24 39.13
N ASP A 517 -13.77 -25.16 38.84
CA ASP A 517 -15.15 -25.25 38.45
C ASP A 517 -15.46 -24.03 37.59
N VAL A 518 -15.83 -24.26 36.33
CA VAL A 518 -16.17 -23.17 35.42
C VAL A 518 -17.67 -23.26 35.18
N ILE A 519 -18.34 -22.13 35.36
CA ILE A 519 -19.80 -22.07 35.24
C ILE A 519 -20.23 -20.90 34.37
N LYS B 20 -0.01 -27.90 5.51
CA LYS B 20 -0.22 -29.07 4.62
C LYS B 20 -1.42 -28.87 3.71
N ASP B 21 -2.61 -29.08 4.26
CA ASP B 21 -3.86 -28.94 3.53
C ASP B 21 -4.21 -27.49 3.20
N ALA B 22 -4.14 -26.60 4.19
CA ALA B 22 -4.45 -25.17 3.98
C ALA B 22 -3.68 -24.68 2.79
N MET B 23 -2.44 -25.14 2.71
CA MET B 23 -1.52 -24.80 1.64
C MET B 23 -2.00 -25.43 0.35
N LYS B 24 -2.20 -26.74 0.35
CA LYS B 24 -2.67 -27.46 -0.82
C LYS B 24 -3.90 -26.77 -1.42
N GLU B 25 -4.84 -26.44 -0.56
CA GLU B 25 -6.07 -25.77 -0.93
C GLU B 25 -5.83 -24.39 -1.48
N ASN B 26 -4.94 -23.64 -0.84
CA ASN B 26 -4.60 -22.27 -1.25
C ASN B 26 -3.95 -22.25 -2.61
N ILE B 27 -2.96 -23.10 -2.78
CA ILE B 27 -2.25 -23.18 -4.02
C ILE B 27 -3.22 -23.49 -5.16
N GLU B 28 -4.08 -24.47 -4.97
CA GLU B 28 -5.06 -24.82 -6.00
C GLU B 28 -6.00 -23.65 -6.31
N ALA B 29 -6.63 -23.09 -5.29
CA ALA B 29 -7.54 -21.97 -5.49
C ALA B 29 -6.88 -20.91 -6.34
N ALA B 30 -5.62 -20.62 -6.01
CA ALA B 30 -4.79 -19.64 -6.72
C ALA B 30 -4.58 -20.03 -8.19
N ILE B 31 -4.03 -21.20 -8.41
CA ILE B 31 -3.78 -21.72 -9.74
C ILE B 31 -5.04 -21.67 -10.59
N ALA B 32 -6.18 -21.83 -9.93
CA ALA B 32 -7.45 -21.78 -10.61
C ALA B 32 -7.64 -20.41 -11.27
N ILE B 33 -7.39 -19.34 -10.54
CA ILE B 33 -7.56 -18.02 -11.09
C ILE B 33 -6.62 -17.83 -12.24
N SER B 34 -5.41 -18.35 -12.08
CA SER B 34 -4.43 -18.22 -13.14
C SER B 34 -5.01 -18.78 -14.41
N ASN B 35 -5.40 -20.03 -14.37
CA ASN B 35 -5.98 -20.67 -15.55
C ASN B 35 -7.16 -19.94 -16.17
N SER B 36 -7.96 -19.26 -15.35
CA SER B 36 -9.11 -18.55 -15.90
C SER B 36 -8.66 -17.49 -16.90
N VAL B 37 -7.42 -17.08 -16.78
CA VAL B 37 -6.86 -16.04 -17.61
C VAL B 37 -5.85 -16.50 -18.68
N ARG B 38 -5.25 -17.65 -18.47
CA ARG B 38 -4.27 -18.23 -19.37
C ARG B 38 -4.65 -18.19 -20.85
N SER B 39 -5.86 -18.62 -21.18
CA SER B 39 -6.29 -18.66 -22.58
C SER B 39 -6.37 -17.33 -23.31
N SER B 40 -6.17 -16.23 -22.61
CA SER B 40 -6.25 -14.93 -23.24
C SER B 40 -4.89 -14.37 -23.60
N LEU B 41 -3.84 -15.13 -23.32
CA LEU B 41 -2.52 -14.62 -23.59
C LEU B 41 -2.15 -14.71 -25.04
N GLY B 42 -1.63 -13.62 -25.59
CA GLY B 42 -1.17 -13.63 -26.96
C GLY B 42 -2.13 -13.33 -28.08
N PRO B 43 -1.67 -13.47 -29.34
CA PRO B 43 -2.42 -13.24 -30.57
C PRO B 43 -3.49 -14.30 -30.88
N ARG B 44 -3.39 -15.46 -30.25
CA ARG B 44 -4.43 -16.45 -30.48
C ARG B 44 -5.22 -16.51 -29.16
N GLY B 45 -5.15 -15.39 -28.45
CA GLY B 45 -5.81 -15.27 -27.18
C GLY B 45 -7.29 -15.25 -27.38
N MET B 46 -8.00 -15.67 -26.35
CA MET B 46 -9.44 -15.68 -26.41
C MET B 46 -9.93 -14.64 -25.42
N ASP B 47 -11.22 -14.29 -25.50
CA ASP B 47 -11.77 -13.28 -24.64
C ASP B 47 -12.74 -13.91 -23.68
N LYS B 48 -13.12 -13.14 -22.66
CA LYS B 48 -14.02 -13.58 -21.62
C LYS B 48 -15.28 -12.72 -21.60
N MET B 49 -16.38 -13.33 -21.19
CA MET B 49 -17.65 -12.64 -21.03
C MET B 49 -17.91 -12.69 -19.54
N LEU B 50 -18.19 -11.53 -18.95
CA LEU B 50 -18.44 -11.46 -17.52
C LEU B 50 -19.78 -10.77 -17.26
N VAL B 51 -20.67 -11.47 -16.58
CA VAL B 51 -21.99 -10.93 -16.28
C VAL B 51 -22.16 -10.81 -14.76
N ASP B 52 -22.14 -9.59 -14.22
CA ASP B 52 -22.31 -9.46 -12.78
C ASP B 52 -23.74 -9.76 -12.29
N SER B 53 -23.98 -9.57 -11.00
CA SER B 53 -25.28 -9.80 -10.39
C SER B 53 -26.37 -8.94 -11.02
N LEU B 54 -26.03 -7.66 -11.21
CA LEU B 54 -26.94 -6.67 -11.80
C LEU B 54 -27.21 -6.95 -13.28
N GLY B 55 -26.56 -7.99 -13.84
CA GLY B 55 -26.73 -8.34 -15.23
C GLY B 55 -25.82 -7.55 -16.18
N ASP B 56 -24.84 -6.85 -15.61
CA ASP B 56 -23.90 -6.05 -16.40
C ASP B 56 -22.93 -6.98 -17.08
N ILE B 57 -22.79 -6.78 -18.38
CA ILE B 57 -21.91 -7.62 -19.18
C ILE B 57 -20.66 -6.87 -19.60
N VAL B 58 -19.54 -7.54 -19.43
CA VAL B 58 -18.23 -7.06 -19.82
C VAL B 58 -17.56 -8.19 -20.60
N ILE B 59 -17.43 -7.98 -21.90
CA ILE B 59 -16.82 -8.94 -22.78
C ILE B 59 -15.47 -8.33 -23.10
N THR B 60 -14.40 -8.95 -22.59
CA THR B 60 -13.04 -8.42 -22.79
C THR B 60 -11.91 -9.46 -22.80
N ASN B 61 -10.69 -8.96 -23.02
CA ASN B 61 -9.49 -9.78 -23.05
C ASN B 61 -8.53 -9.29 -21.98
N ASP B 62 -8.66 -8.01 -21.62
CA ASP B 62 -7.81 -7.41 -20.60
C ASP B 62 -7.86 -8.21 -19.29
N GLY B 63 -6.80 -8.95 -19.02
CA GLY B 63 -6.73 -9.76 -17.81
C GLY B 63 -7.00 -9.03 -16.50
N VAL B 64 -6.61 -7.75 -16.39
CA VAL B 64 -6.86 -6.99 -15.16
C VAL B 64 -8.35 -6.90 -14.98
N THR B 65 -9.05 -6.61 -16.07
CA THR B 65 -10.49 -6.49 -16.05
C THR B 65 -11.14 -7.83 -15.77
N ILE B 66 -10.69 -8.88 -16.47
CA ILE B 66 -11.21 -10.22 -16.24
C ILE B 66 -11.11 -10.55 -14.76
N LEU B 67 -9.97 -10.19 -14.17
CA LEU B 67 -9.69 -10.41 -12.75
C LEU B 67 -10.47 -9.51 -11.77
N LYS B 68 -10.34 -8.19 -11.95
CA LYS B 68 -11.03 -7.21 -11.12
C LYS B 68 -12.53 -7.47 -11.19
N GLU B 69 -12.96 -8.08 -12.28
CA GLU B 69 -14.36 -8.38 -12.53
C GLU B 69 -14.89 -9.64 -11.90
N MET B 70 -14.23 -10.76 -12.16
CA MET B 70 -14.74 -12.00 -11.63
C MET B 70 -15.04 -11.99 -10.14
N ASP B 71 -15.95 -12.87 -9.75
CA ASP B 71 -16.40 -13.02 -8.37
C ASP B 71 -15.55 -14.07 -7.64
N VAL B 72 -14.40 -13.66 -7.10
CA VAL B 72 -13.52 -14.57 -6.37
C VAL B 72 -13.81 -14.49 -4.92
N GLU B 73 -13.81 -15.64 -4.25
CA GLU B 73 -14.11 -15.68 -2.82
C GLU B 73 -12.95 -16.20 -2.01
N HIS B 74 -12.37 -17.31 -2.42
CA HIS B 74 -11.27 -17.89 -1.68
C HIS B 74 -10.26 -16.77 -1.50
N PRO B 75 -9.77 -16.60 -0.28
CA PRO B 75 -8.78 -15.56 0.03
C PRO B 75 -7.53 -15.65 -0.86
N ALA B 76 -7.05 -16.87 -1.10
CA ALA B 76 -5.89 -17.07 -1.96
C ALA B 76 -6.19 -16.50 -3.37
N ALA B 77 -7.37 -16.82 -3.88
CA ALA B 77 -7.81 -16.32 -5.17
C ALA B 77 -7.80 -14.80 -5.16
N LYS B 78 -8.30 -14.20 -4.09
CA LYS B 78 -8.30 -12.74 -4.02
C LYS B 78 -6.86 -12.23 -4.10
N MET B 79 -5.95 -12.93 -3.43
CA MET B 79 -4.53 -12.56 -3.43
C MET B 79 -3.90 -12.62 -4.82
N MET B 80 -4.29 -13.61 -5.61
CA MET B 80 -3.80 -13.73 -6.98
C MET B 80 -4.31 -12.52 -7.78
N VAL B 81 -5.56 -12.11 -7.53
CA VAL B 81 -6.16 -10.98 -8.21
C VAL B 81 -5.46 -9.72 -7.76
N GLU B 82 -4.99 -9.70 -6.50
CA GLU B 82 -4.28 -8.55 -6.02
C GLU B 82 -3.11 -8.33 -6.98
N VAL B 83 -2.52 -9.41 -7.49
CA VAL B 83 -1.41 -9.36 -8.47
C VAL B 83 -1.83 -8.52 -9.67
N SER B 84 -2.89 -8.97 -10.33
CA SER B 84 -3.42 -8.30 -11.50
C SER B 84 -3.45 -6.77 -11.37
N LYS B 85 -4.21 -6.24 -10.42
CA LYS B 85 -4.31 -4.80 -10.26
C LYS B 85 -2.96 -4.10 -10.13
N THR B 86 -2.06 -4.68 -9.34
CA THR B 86 -0.74 -4.09 -9.11
C THR B 86 0.13 -4.02 -10.37
N GLN B 87 0.16 -5.09 -11.14
CA GLN B 87 0.93 -5.12 -12.39
C GLN B 87 0.33 -4.06 -13.31
N ASP B 88 -0.99 -3.97 -13.31
CA ASP B 88 -1.76 -3.01 -14.09
C ASP B 88 -1.36 -1.60 -13.68
N SER B 89 -1.34 -1.38 -12.37
CA SER B 89 -1.00 -0.10 -11.75
C SER B 89 0.33 0.48 -12.17
N PHE B 90 1.38 -0.29 -11.98
CA PHE B 90 2.71 0.16 -12.29
C PHE B 90 3.08 0.28 -13.75
N VAL B 91 2.82 -0.77 -14.52
CA VAL B 91 3.17 -0.77 -15.93
C VAL B 91 2.01 -0.59 -16.92
N GLY B 92 0.95 -1.38 -16.78
CA GLY B 92 -0.17 -1.21 -17.69
C GLY B 92 -0.42 -2.30 -18.72
N ASP B 93 0.61 -3.05 -19.07
CA ASP B 93 0.47 -4.13 -20.02
C ASP B 93 1.20 -5.30 -19.33
N GLY B 94 0.60 -6.47 -19.34
CA GLY B 94 1.26 -7.61 -18.73
C GLY B 94 0.59 -8.20 -17.51
N THR B 95 -0.66 -7.85 -17.24
CA THR B 95 -1.37 -8.41 -16.09
C THR B 95 -1.74 -9.89 -16.28
N THR B 96 -2.00 -10.28 -17.52
CA THR B 96 -2.30 -11.67 -17.80
C THR B 96 -0.98 -12.44 -17.60
N THR B 97 0.14 -11.81 -17.99
CA THR B 97 1.46 -12.41 -17.85
C THR B 97 1.82 -12.66 -16.41
N ALA B 98 1.62 -11.65 -15.56
CA ALA B 98 1.94 -11.75 -14.14
C ALA B 98 1.22 -12.92 -13.49
N VAL B 99 -0.08 -13.03 -13.79
CA VAL B 99 -0.94 -14.07 -13.24
C VAL B 99 -0.46 -15.44 -13.70
N ILE B 100 -0.20 -15.59 -14.98
CA ILE B 100 0.26 -16.87 -15.50
C ILE B 100 1.52 -17.38 -14.77
N ILE B 101 2.45 -16.47 -14.46
CA ILE B 101 3.69 -16.81 -13.78
C ILE B 101 3.43 -17.16 -12.33
N ALA B 102 2.60 -16.37 -11.66
CA ALA B 102 2.25 -16.62 -10.25
C ALA B 102 1.66 -18.02 -10.09
N GLY B 103 0.94 -18.49 -11.10
CA GLY B 103 0.38 -19.82 -11.07
C GLY B 103 1.51 -20.81 -11.26
N GLY B 104 2.39 -20.52 -12.22
CA GLY B 104 3.52 -21.40 -12.46
C GLY B 104 4.27 -21.62 -11.18
N LEU B 105 4.85 -20.55 -10.65
CA LEU B 105 5.60 -20.58 -9.40
C LEU B 105 4.87 -21.40 -8.32
N LEU B 106 3.56 -21.18 -8.18
CA LEU B 106 2.78 -21.89 -7.17
C LEU B 106 2.60 -23.37 -7.48
N GLN B 107 2.38 -23.69 -8.74
CA GLN B 107 2.20 -25.06 -9.15
C GLN B 107 3.53 -25.76 -8.99
N GLN B 108 4.62 -25.07 -9.26
CA GLN B 108 5.93 -25.66 -9.12
C GLN B 108 6.27 -25.89 -7.65
N ALA B 109 6.03 -24.87 -6.82
CA ALA B 109 6.31 -24.99 -5.38
C ALA B 109 5.54 -26.16 -4.84
N GLN B 110 4.39 -26.46 -5.46
CA GLN B 110 3.54 -27.57 -5.09
C GLN B 110 4.34 -28.87 -5.20
N GLY B 111 5.15 -28.99 -6.25
CA GLY B 111 5.98 -30.16 -6.42
C GLY B 111 7.03 -30.17 -5.33
N LEU B 112 7.85 -29.13 -5.28
CA LEU B 112 8.90 -29.02 -4.28
C LEU B 112 8.39 -29.29 -2.87
N ILE B 113 7.20 -28.79 -2.56
CA ILE B 113 6.62 -28.98 -1.24
C ILE B 113 6.41 -30.47 -0.92
N ASN B 114 6.16 -31.28 -1.94
CA ASN B 114 5.97 -32.71 -1.74
C ASN B 114 7.27 -33.39 -1.28
N GLN B 115 8.40 -32.85 -1.71
CA GLN B 115 9.68 -33.42 -1.35
C GLN B 115 10.25 -32.89 -0.06
N ASN B 116 9.39 -32.34 0.79
CA ASN B 116 9.79 -31.80 2.09
C ASN B 116 10.80 -30.65 1.98
N VAL B 117 10.64 -29.84 0.93
CA VAL B 117 11.51 -28.67 0.78
C VAL B 117 10.73 -27.64 1.57
N HIS B 118 11.41 -27.00 2.53
CA HIS B 118 10.77 -26.00 3.39
C HIS B 118 10.38 -24.73 2.63
N PRO B 119 9.13 -24.27 2.83
CA PRO B 119 8.59 -23.06 2.18
C PRO B 119 9.44 -21.81 2.37
N THR B 120 10.39 -21.87 3.30
CA THR B 120 11.29 -20.76 3.52
C THR B 120 12.35 -20.87 2.43
N VAL B 121 12.86 -22.09 2.22
CA VAL B 121 13.85 -22.34 1.19
C VAL B 121 13.26 -21.93 -0.16
N ILE B 122 12.07 -22.44 -0.45
CA ILE B 122 11.38 -22.11 -1.69
C ILE B 122 11.22 -20.60 -1.85
N SER B 123 10.87 -19.90 -0.77
CA SER B 123 10.71 -18.45 -0.85
C SER B 123 12.02 -17.72 -1.12
N GLU B 124 13.11 -18.19 -0.53
CA GLU B 124 14.39 -17.55 -0.76
C GLU B 124 14.80 -17.80 -2.19
N GLY B 125 14.73 -19.06 -2.60
CA GLY B 125 15.10 -19.45 -3.93
C GLY B 125 14.35 -18.66 -4.96
N TYR B 126 13.05 -18.51 -4.72
CA TYR B 126 12.18 -17.76 -5.61
C TYR B 126 12.62 -16.30 -5.62
N ARG B 127 12.96 -15.78 -4.45
CA ARG B 127 13.40 -14.41 -4.37
C ARG B 127 14.67 -14.19 -5.17
N MET B 128 15.66 -15.05 -4.96
CA MET B 128 16.94 -14.95 -5.64
C MET B 128 16.80 -15.10 -7.13
N ALA B 129 16.01 -16.09 -7.57
CA ALA B 129 15.79 -16.31 -8.99
C ALA B 129 15.23 -15.04 -9.60
N SER B 130 14.19 -14.50 -8.96
CA SER B 130 13.51 -13.26 -9.39
C SER B 130 14.52 -12.13 -9.63
N GLU B 131 15.36 -11.89 -8.65
CA GLU B 131 16.38 -10.87 -8.73
C GLU B 131 17.19 -11.11 -9.97
N GLU B 132 17.71 -12.31 -10.12
CA GLU B 132 18.50 -12.66 -11.28
C GLU B 132 17.73 -12.48 -12.58
N ALA B 133 16.43 -12.77 -12.55
CA ALA B 133 15.56 -12.66 -13.72
C ALA B 133 15.48 -11.21 -14.23
N LYS B 134 15.35 -10.26 -13.32
CA LYS B 134 15.29 -8.87 -13.71
C LYS B 134 16.64 -8.42 -14.27
N ARG B 135 17.72 -8.91 -13.67
CA ARG B 135 19.05 -8.58 -14.14
C ARG B 135 19.10 -9.00 -15.60
N VAL B 136 18.85 -10.28 -15.86
CA VAL B 136 18.84 -10.81 -17.21
C VAL B 136 18.09 -9.91 -18.20
N ILE B 137 16.87 -9.51 -17.86
CA ILE B 137 16.09 -8.65 -18.74
C ILE B 137 16.87 -7.39 -19.06
N ASP B 138 17.49 -6.80 -18.06
CA ASP B 138 18.30 -5.61 -18.27
C ASP B 138 19.42 -5.96 -19.24
N GLU B 139 20.03 -7.12 -19.02
CA GLU B 139 21.12 -7.55 -19.87
C GLU B 139 20.66 -7.75 -21.31
N ILE B 140 19.71 -8.65 -21.53
CA ILE B 140 19.23 -8.92 -22.88
C ILE B 140 18.40 -7.79 -23.51
N SER B 141 18.19 -6.71 -22.78
CA SER B 141 17.41 -5.60 -23.30
C SER B 141 18.12 -4.88 -24.44
N THR B 142 17.44 -3.89 -25.02
CA THR B 142 17.99 -3.11 -26.12
C THR B 142 17.50 -1.68 -26.06
N LYS B 143 18.45 -0.76 -26.02
CA LYS B 143 18.15 0.65 -25.98
C LYS B 143 17.46 0.95 -27.29
N ILE B 144 16.47 1.82 -27.22
CA ILE B 144 15.73 2.20 -28.39
C ILE B 144 16.62 3.23 -29.05
N GLY B 145 17.05 2.92 -30.27
CA GLY B 145 17.92 3.82 -31.01
C GLY B 145 17.18 4.89 -31.78
N ALA B 146 17.73 5.28 -32.92
CA ALA B 146 17.11 6.31 -33.74
C ALA B 146 15.84 5.79 -34.41
N ASP B 147 15.57 4.50 -34.27
CA ASP B 147 14.38 3.92 -34.87
C ASP B 147 13.18 4.15 -33.97
N GLU B 148 13.29 5.09 -33.04
CA GLU B 148 12.20 5.38 -32.11
C GLU B 148 10.82 5.18 -32.72
N LYS B 149 10.58 5.79 -33.89
CA LYS B 149 9.30 5.71 -34.57
C LYS B 149 8.80 4.29 -34.85
N ALA B 150 9.49 3.57 -35.71
CA ALA B 150 9.07 2.22 -36.06
C ALA B 150 9.20 1.26 -34.92
N LEU B 151 10.14 1.50 -34.01
CA LEU B 151 10.30 0.63 -32.85
C LEU B 151 9.04 0.78 -32.02
N LEU B 152 8.72 2.02 -31.65
CA LEU B 152 7.54 2.29 -30.87
C LEU B 152 6.28 1.80 -31.59
N LEU B 153 6.23 1.95 -32.91
CA LEU B 153 5.06 1.50 -33.65
C LEU B 153 4.93 -0.01 -33.49
N LYS B 154 6.04 -0.72 -33.62
CA LYS B 154 6.05 -2.17 -33.50
C LYS B 154 5.58 -2.57 -32.13
N MET B 155 5.94 -1.79 -31.12
CA MET B 155 5.47 -2.09 -29.78
C MET B 155 3.95 -1.91 -29.69
N ALA B 156 3.46 -0.73 -30.07
CA ALA B 156 2.05 -0.44 -30.06
C ALA B 156 1.24 -1.56 -30.69
N GLN B 157 1.69 -2.04 -31.85
CA GLN B 157 1.00 -3.11 -32.56
C GLN B 157 0.96 -4.45 -31.83
N THR B 158 2.10 -4.92 -31.35
CA THR B 158 2.13 -6.19 -30.61
C THR B 158 1.04 -6.15 -29.52
N SER B 159 0.89 -5.00 -28.85
CA SER B 159 -0.12 -4.84 -27.82
C SER B 159 -1.50 -5.07 -28.43
N LEU B 160 -1.78 -4.36 -29.51
CA LEU B 160 -3.03 -4.48 -30.21
C LEU B 160 -3.25 -5.87 -30.77
N ASN B 161 -2.18 -6.63 -30.95
CA ASN B 161 -2.30 -7.97 -31.50
C ASN B 161 -3.11 -8.93 -30.65
N SER B 162 -3.03 -8.81 -29.33
CA SER B 162 -3.78 -9.70 -28.47
C SER B 162 -5.26 -9.31 -28.42
N LYS B 163 -5.53 -8.00 -28.42
CA LYS B 163 -6.90 -7.48 -28.35
C LYS B 163 -7.67 -7.61 -29.67
N SER B 164 -8.99 -7.50 -29.61
CA SER B 164 -9.78 -7.62 -30.82
C SER B 164 -9.53 -6.43 -31.73
N ALA B 165 -8.85 -5.41 -31.21
CA ALA B 165 -8.52 -4.21 -31.98
C ALA B 165 -7.52 -4.49 -33.10
N SER B 166 -6.97 -5.69 -33.11
CA SER B 166 -6.00 -6.12 -34.13
C SER B 166 -6.50 -5.71 -35.49
N VAL B 167 -7.80 -5.88 -35.66
CA VAL B 167 -8.53 -5.53 -36.87
C VAL B 167 -7.98 -4.23 -37.45
N ALA B 168 -7.66 -3.29 -36.57
CA ALA B 168 -7.15 -2.02 -36.99
C ALA B 168 -5.89 -1.67 -36.21
N LYS B 169 -5.05 -2.66 -35.94
CA LYS B 169 -3.83 -2.40 -35.18
C LYS B 169 -2.96 -1.37 -35.86
N ASP B 170 -2.93 -1.37 -37.19
CA ASP B 170 -2.11 -0.41 -37.92
C ASP B 170 -2.51 1.04 -37.63
N LYS B 171 -3.80 1.34 -37.64
CA LYS B 171 -4.27 2.69 -37.39
C LYS B 171 -4.23 3.05 -35.93
N LEU B 172 -4.73 2.15 -35.08
CA LEU B 172 -4.73 2.42 -33.66
C LEU B 172 -3.30 2.65 -33.14
N ALA B 173 -2.32 1.89 -33.66
CA ALA B 173 -0.91 1.98 -33.25
C ALA B 173 -0.29 3.32 -33.63
N GLU B 174 -0.62 3.80 -34.83
CA GLU B 174 -0.15 5.09 -35.30
C GLU B 174 -0.72 6.13 -34.33
N ILE B 175 -2.01 6.04 -34.03
CA ILE B 175 -2.69 6.96 -33.10
C ILE B 175 -2.08 6.91 -31.71
N SER B 176 -1.80 5.71 -31.22
CA SER B 176 -1.18 5.50 -29.91
C SER B 176 0.20 6.15 -29.90
N TYR B 177 0.95 5.94 -30.97
CA TYR B 177 2.27 6.52 -31.12
C TYR B 177 2.22 8.05 -31.20
N GLU B 178 1.33 8.54 -32.05
CA GLU B 178 1.15 9.97 -32.25
C GLU B 178 0.79 10.64 -30.93
N ALA B 179 -0.26 10.15 -30.27
CA ALA B 179 -0.74 10.72 -29.00
C ALA B 179 0.31 10.84 -27.90
N VAL B 180 1.03 9.76 -27.61
CA VAL B 180 2.06 9.81 -26.58
C VAL B 180 3.21 10.71 -27.01
N LYS B 181 3.70 10.55 -28.23
CA LYS B 181 4.81 11.37 -28.69
C LYS B 181 4.51 12.84 -28.44
N SER B 182 3.26 13.23 -28.66
CA SER B 182 2.80 14.60 -28.47
C SER B 182 2.91 15.12 -27.03
N VAL B 183 2.36 14.39 -26.07
CA VAL B 183 2.39 14.83 -24.67
C VAL B 183 3.68 14.49 -23.90
N ALA B 184 4.62 13.88 -24.61
CA ALA B 184 5.88 13.46 -24.02
C ALA B 184 6.92 14.56 -23.91
N GLU B 185 7.29 14.92 -22.68
CA GLU B 185 8.31 15.93 -22.47
C GLU B 185 9.65 15.27 -22.24
N LEU B 186 10.58 15.59 -23.12
CA LEU B 186 11.95 15.10 -23.13
C LEU B 186 12.74 16.10 -22.28
N ARG B 187 12.86 15.84 -20.98
CA ARG B 187 13.58 16.74 -20.10
C ARG B 187 15.09 16.51 -20.10
N ASP B 188 15.63 15.79 -19.12
CA ASP B 188 17.07 15.56 -19.07
C ASP B 188 17.53 14.57 -20.14
N GLY B 189 17.16 14.83 -21.38
CA GLY B 189 17.50 13.93 -22.46
C GLY B 189 16.69 12.66 -22.24
N LYS B 190 15.76 12.74 -21.29
CA LYS B 190 14.89 11.63 -20.90
C LYS B 190 13.45 12.09 -21.03
N TYR B 191 12.58 11.20 -21.51
CA TYR B 191 11.17 11.51 -21.70
C TYR B 191 10.32 11.30 -20.48
N TYR B 192 9.21 12.01 -20.41
CA TYR B 192 8.23 11.89 -19.33
C TYR B 192 6.84 12.09 -19.96
N VAL B 193 5.91 11.16 -19.69
CA VAL B 193 4.55 11.23 -20.26
C VAL B 193 3.44 11.39 -19.23
N ASP B 194 2.79 12.56 -19.21
CA ASP B 194 1.68 12.79 -18.28
C ASP B 194 0.38 12.47 -19.02
N PHE B 195 -0.27 11.39 -18.60
CA PHE B 195 -1.50 10.97 -19.25
C PHE B 195 -2.66 11.92 -19.08
N ASP B 196 -2.53 12.86 -18.15
CA ASP B 196 -3.58 13.85 -17.94
C ASP B 196 -3.53 14.86 -19.10
N ASN B 197 -2.77 14.50 -20.13
CA ASN B 197 -2.64 15.32 -21.30
C ASN B 197 -3.23 14.57 -22.50
N ILE B 198 -3.68 13.33 -22.25
CA ILE B 198 -4.28 12.50 -23.28
C ILE B 198 -5.69 12.14 -22.84
N GLN B 199 -6.66 12.83 -23.41
CA GLN B 199 -8.07 12.63 -23.13
C GLN B 199 -8.59 11.56 -24.07
N VAL B 200 -9.11 10.47 -23.51
CA VAL B 200 -9.63 9.39 -24.34
C VAL B 200 -11.11 9.18 -24.14
N VAL B 201 -11.85 9.40 -25.21
CA VAL B 201 -13.29 9.31 -25.17
C VAL B 201 -13.78 8.23 -26.11
N LYS B 202 -14.90 7.62 -25.73
CA LYS B 202 -15.48 6.59 -26.54
C LYS B 202 -16.92 6.92 -26.87
N LYS B 203 -17.20 6.87 -28.18
CA LYS B 203 -18.54 7.14 -28.70
C LYS B 203 -18.86 6.10 -29.76
N GLN B 204 -19.91 5.33 -29.49
CA GLN B 204 -20.38 4.29 -30.39
C GLN B 204 -20.97 4.89 -31.65
N GLY B 205 -21.40 4.01 -32.56
CA GLY B 205 -22.01 4.47 -33.80
C GLY B 205 -21.07 4.78 -34.96
N GLY B 206 -19.88 4.20 -34.93
CA GLY B 206 -18.91 4.42 -35.97
C GLY B 206 -18.06 3.17 -35.96
N ALA B 207 -17.43 2.83 -37.07
CA ALA B 207 -16.59 1.65 -37.14
C ALA B 207 -15.34 1.89 -36.35
N ILE B 208 -14.56 0.85 -36.13
CA ILE B 208 -13.31 0.96 -35.38
C ILE B 208 -12.30 1.87 -36.09
N ASP B 209 -12.18 1.64 -37.39
CA ASP B 209 -11.27 2.38 -38.25
C ASP B 209 -11.55 3.87 -38.08
N ASP B 210 -12.75 4.20 -37.63
CA ASP B 210 -13.16 5.59 -37.45
C ASP B 210 -12.56 6.31 -36.24
N THR B 211 -11.82 5.55 -35.43
CA THR B 211 -11.19 6.14 -34.27
C THR B 211 -10.23 7.21 -34.72
N GLN B 212 -10.25 8.37 -34.08
CA GLN B 212 -9.36 9.42 -34.50
C GLN B 212 -8.76 10.22 -33.38
N LEU B 213 -7.71 10.97 -33.75
CA LEU B 213 -6.93 11.80 -32.85
C LEU B 213 -7.36 13.24 -33.02
N ILE B 214 -7.81 13.85 -31.95
CA ILE B 214 -8.26 15.22 -32.00
C ILE B 214 -7.32 16.07 -31.16
N ASN B 215 -6.65 17.04 -31.79
CA ASN B 215 -5.74 17.92 -31.06
C ASN B 215 -6.65 18.81 -30.21
N GLY B 216 -6.68 18.58 -28.91
CA GLY B 216 -7.55 19.36 -28.05
C GLY B 216 -8.15 18.45 -26.99
N ILE B 217 -9.12 18.94 -26.24
CA ILE B 217 -9.75 18.11 -25.24
C ILE B 217 -11.21 18.09 -25.58
N ILE B 218 -11.69 16.91 -25.94
CA ILE B 218 -13.09 16.72 -26.27
C ILE B 218 -13.82 16.42 -24.98
N VAL B 219 -14.97 17.04 -24.79
CA VAL B 219 -15.75 16.75 -23.60
C VAL B 219 -17.10 16.26 -24.10
N ASP B 220 -17.60 15.20 -23.48
CA ASP B 220 -18.89 14.64 -23.89
C ASP B 220 -19.95 15.40 -23.10
N LYS B 221 -20.19 16.61 -23.56
CA LYS B 221 -21.15 17.51 -22.94
C LYS B 221 -21.58 18.52 -24.00
N GLU B 222 -22.87 18.84 -24.05
CA GLU B 222 -23.31 19.83 -25.01
C GLU B 222 -23.67 21.11 -24.26
N LYS B 223 -23.86 22.22 -24.98
CA LYS B 223 -24.17 23.49 -24.32
C LYS B 223 -25.47 23.44 -23.48
N VAL B 224 -25.40 24.05 -22.30
CA VAL B 224 -26.48 24.06 -21.34
C VAL B 224 -27.79 24.73 -21.75
N HIS B 225 -27.80 25.50 -22.84
CA HIS B 225 -29.03 26.18 -23.27
C HIS B 225 -29.13 26.29 -24.80
N PRO B 226 -30.32 26.07 -25.37
CA PRO B 226 -30.54 26.14 -26.81
C PRO B 226 -30.00 27.40 -27.50
N GLY B 227 -29.98 28.51 -26.76
CA GLY B 227 -29.51 29.76 -27.34
C GLY B 227 -28.01 30.05 -27.36
N MET B 228 -27.19 29.20 -26.77
CA MET B 228 -25.74 29.45 -26.75
C MET B 228 -25.17 29.15 -28.14
N PRO B 229 -24.10 29.85 -28.57
CA PRO B 229 -23.50 29.63 -29.88
C PRO B 229 -22.90 28.27 -30.06
N ASP B 230 -22.87 27.77 -31.30
CA ASP B 230 -22.28 26.46 -31.56
C ASP B 230 -20.77 26.50 -31.69
N VAL B 231 -20.21 27.71 -31.82
CA VAL B 231 -18.77 27.86 -31.95
C VAL B 231 -18.29 29.23 -31.49
N VAL B 232 -17.16 29.23 -30.80
CA VAL B 232 -16.55 30.47 -30.33
C VAL B 232 -15.11 30.35 -30.78
N LYS B 233 -14.60 31.40 -31.40
CA LYS B 233 -13.23 31.39 -31.86
C LYS B 233 -12.46 32.21 -30.84
N ASP B 234 -11.20 31.86 -30.63
CA ASP B 234 -10.33 32.54 -29.66
C ASP B 234 -11.11 32.69 -28.35
N ALA B 235 -11.31 31.54 -27.70
CA ALA B 235 -12.07 31.43 -26.46
C ALA B 235 -11.30 31.68 -25.18
N LYS B 236 -11.93 32.40 -24.25
CA LYS B 236 -11.37 32.66 -22.92
C LYS B 236 -12.18 31.75 -22.00
N ILE B 237 -11.61 30.58 -21.73
CA ILE B 237 -12.26 29.56 -20.94
C ILE B 237 -12.28 29.82 -19.44
N ALA B 238 -13.45 30.04 -18.86
CA ALA B 238 -13.57 30.25 -17.42
C ALA B 238 -13.98 28.90 -16.81
N LEU B 239 -13.12 28.28 -15.99
CA LEU B 239 -13.38 26.98 -15.38
C LEU B 239 -13.79 27.10 -13.94
N LEU B 240 -15.04 26.78 -13.61
CA LEU B 240 -15.51 26.89 -12.22
C LEU B 240 -15.67 25.54 -11.52
N ASP B 241 -15.56 25.54 -10.20
CA ASP B 241 -15.74 24.31 -9.47
C ASP B 241 -16.77 24.68 -8.43
N ALA B 242 -17.67 25.56 -8.84
CA ALA B 242 -18.77 26.05 -8.00
C ALA B 242 -19.99 26.22 -8.89
N PRO B 243 -21.19 26.09 -8.35
CA PRO B 243 -22.37 26.25 -9.19
C PRO B 243 -22.77 27.74 -9.29
N LEU B 244 -23.39 28.13 -10.40
CA LEU B 244 -23.86 29.51 -10.59
C LEU B 244 -25.27 29.53 -10.04
N GLU B 245 -25.46 29.99 -8.80
CA GLU B 245 -26.77 30.06 -8.14
C GLU B 245 -26.73 31.10 -7.04
N ILE B 246 -27.89 31.53 -6.56
CA ILE B 246 -27.95 32.51 -5.47
C ILE B 246 -27.35 31.85 -4.23
N LYS B 247 -26.56 32.60 -3.48
CA LYS B 247 -25.93 32.04 -2.29
C LYS B 247 -26.78 32.33 -1.04
N LYS B 248 -27.30 31.28 -0.42
CA LYS B 248 -28.12 31.44 0.78
C LYS B 248 -27.12 31.46 1.95
N PRO B 249 -27.25 32.44 2.86
CA PRO B 249 -26.34 32.54 4.00
C PRO B 249 -26.24 31.24 4.80
N GLU B 250 -25.26 31.19 5.71
CA GLU B 250 -25.00 30.03 6.55
C GLU B 250 -25.88 30.05 7.80
N PHE B 251 -26.30 31.25 8.20
CA PHE B 251 -27.15 31.45 9.36
C PHE B 251 -28.62 31.30 8.97
N ASP B 252 -29.47 30.98 9.95
CA ASP B 252 -30.90 30.83 9.69
C ASP B 252 -31.40 32.20 9.17
N THR B 253 -31.60 32.32 7.87
CA THR B 253 -32.05 33.59 7.33
C THR B 253 -33.48 33.51 6.83
N ASN B 254 -34.23 34.57 7.10
CA ASN B 254 -35.63 34.69 6.73
C ASN B 254 -35.94 36.10 6.31
N LEU B 255 -36.76 36.23 5.28
CA LEU B 255 -37.19 37.52 4.75
C LEU B 255 -38.51 37.89 5.42
N ARG B 256 -38.60 39.13 5.93
CA ARG B 256 -39.84 39.59 6.56
C ARG B 256 -40.44 40.69 5.72
N ILE B 257 -41.55 40.40 5.07
CA ILE B 257 -42.22 41.38 4.23
C ILE B 257 -43.46 41.87 4.93
N GLU B 258 -43.48 43.16 5.24
CA GLU B 258 -44.63 43.74 5.92
C GLU B 258 -45.38 44.68 4.97
N ASP B 259 -44.72 45.01 3.87
CA ASP B 259 -45.26 45.92 2.87
C ASP B 259 -45.36 45.15 1.58
N PRO B 260 -46.55 45.10 0.97
CA PRO B 260 -46.68 44.36 -0.30
C PRO B 260 -45.70 44.76 -1.39
N SER B 261 -45.14 45.96 -1.30
CA SER B 261 -44.19 46.44 -2.30
C SER B 261 -42.84 45.74 -2.26
N MET B 262 -42.40 45.36 -1.06
CA MET B 262 -41.11 44.73 -0.90
C MET B 262 -40.97 43.46 -1.70
N ILE B 263 -42.09 42.75 -1.89
CA ILE B 263 -42.05 41.48 -2.61
C ILE B 263 -41.33 41.52 -3.93
N GLN B 264 -41.60 42.55 -4.74
CA GLN B 264 -40.90 42.63 -6.01
C GLN B 264 -39.48 43.08 -5.81
N LYS B 265 -39.25 43.92 -4.82
CA LYS B 265 -37.90 44.39 -4.58
C LYS B 265 -36.98 43.24 -4.23
N PHE B 266 -37.49 42.30 -3.44
CA PHE B 266 -36.70 41.15 -3.08
C PHE B 266 -36.43 40.25 -4.29
N LEU B 267 -37.47 39.93 -5.05
CA LEU B 267 -37.33 39.10 -6.24
C LEU B 267 -36.38 39.67 -7.26
N ALA B 268 -36.34 41.00 -7.38
CA ALA B 268 -35.44 41.63 -8.31
C ALA B 268 -34.03 41.45 -7.79
N GLN B 269 -33.83 41.70 -6.50
CA GLN B 269 -32.52 41.53 -5.89
C GLN B 269 -31.94 40.13 -6.10
N GLU B 270 -32.77 39.11 -5.99
CA GLU B 270 -32.28 37.75 -6.20
C GLU B 270 -31.85 37.50 -7.66
N GLU B 271 -32.56 38.10 -8.60
CA GLU B 271 -32.23 37.94 -10.01
C GLU B 271 -30.97 38.72 -10.28
N ASN B 272 -30.84 39.87 -9.65
CA ASN B 272 -29.66 40.67 -9.84
C ASN B 272 -28.42 39.92 -9.39
N MET B 273 -28.49 39.23 -8.27
CA MET B 273 -27.33 38.49 -7.79
C MET B 273 -26.81 37.52 -8.85
N LEU B 274 -27.72 36.83 -9.52
CA LEU B 274 -27.35 35.88 -10.56
C LEU B 274 -26.89 36.60 -11.81
N ARG B 275 -27.57 37.70 -12.13
CA ARG B 275 -27.23 38.48 -13.30
C ARG B 275 -25.87 39.11 -13.11
N GLU B 276 -25.45 39.27 -11.86
CA GLU B 276 -24.16 39.84 -11.56
C GLU B 276 -23.02 38.81 -11.58
N MET B 277 -23.35 37.58 -11.24
CA MET B 277 -22.36 36.51 -11.29
C MET B 277 -21.90 36.45 -12.75
N VAL B 278 -22.89 36.37 -13.65
CA VAL B 278 -22.63 36.31 -15.07
C VAL B 278 -21.83 37.53 -15.49
N ASP B 279 -22.20 38.71 -14.99
CA ASP B 279 -21.45 39.91 -15.31
C ASP B 279 -19.98 39.78 -14.95
N LYS B 280 -19.69 39.30 -13.74
CA LYS B 280 -18.30 39.11 -13.31
C LYS B 280 -17.55 38.24 -14.33
N ILE B 281 -18.00 37.01 -14.52
CA ILE B 281 -17.39 36.08 -15.47
C ILE B 281 -17.21 36.77 -16.83
N LYS B 282 -18.22 37.52 -17.26
CA LYS B 282 -18.16 38.22 -18.53
C LYS B 282 -17.15 39.36 -18.51
N SER B 283 -17.20 40.16 -17.45
CA SER B 283 -16.32 41.31 -17.30
C SER B 283 -14.83 40.96 -17.36
N VAL B 284 -14.50 39.77 -16.88
CA VAL B 284 -13.12 39.35 -16.88
C VAL B 284 -12.71 38.84 -18.26
N GLY B 285 -13.65 38.93 -19.20
CA GLY B 285 -13.39 38.51 -20.56
C GLY B 285 -13.64 37.05 -20.87
N ALA B 286 -14.30 36.33 -19.98
CA ALA B 286 -14.60 34.92 -20.20
C ALA B 286 -15.51 34.77 -21.40
N ASN B 287 -15.24 33.75 -22.18
CA ASN B 287 -16.00 33.48 -23.40
C ASN B 287 -16.78 32.17 -23.31
N VAL B 288 -16.26 31.29 -22.47
CA VAL B 288 -16.82 29.99 -22.26
C VAL B 288 -16.79 29.77 -20.73
N VAL B 289 -17.82 29.13 -20.20
CA VAL B 289 -17.90 28.86 -18.77
C VAL B 289 -18.17 27.38 -18.62
N ILE B 290 -17.13 26.60 -18.27
CA ILE B 290 -17.29 25.16 -18.09
C ILE B 290 -17.29 24.94 -16.61
N THR B 291 -18.40 24.45 -16.08
CA THR B 291 -18.52 24.25 -14.62
C THR B 291 -18.72 22.79 -14.23
N GLN B 292 -18.18 22.43 -13.07
CA GLN B 292 -18.31 21.08 -12.55
C GLN B 292 -19.69 20.92 -11.99
N LYS B 293 -20.21 22.00 -11.43
CA LYS B 293 -21.51 22.00 -10.80
C LYS B 293 -22.69 22.43 -11.69
N GLY B 294 -23.80 22.81 -11.09
CA GLY B 294 -24.95 23.18 -11.87
C GLY B 294 -25.03 24.64 -12.20
N ILE B 295 -25.81 24.96 -13.23
CA ILE B 295 -26.02 26.35 -13.64
C ILE B 295 -27.50 26.58 -13.48
N ASP B 296 -27.85 27.58 -12.69
CA ASP B 296 -29.25 27.91 -12.46
C ASP B 296 -29.89 28.23 -13.81
N ASP B 297 -31.19 27.97 -13.93
CA ASP B 297 -31.93 28.22 -15.16
C ASP B 297 -31.92 29.68 -15.60
N MET B 298 -32.02 30.58 -14.62
CA MET B 298 -32.04 32.00 -14.89
C MET B 298 -30.64 32.48 -15.27
N ALA B 299 -29.63 31.92 -14.59
CA ALA B 299 -28.24 32.25 -14.87
C ALA B 299 -28.00 31.77 -16.28
N GLN B 300 -28.60 30.62 -16.62
CA GLN B 300 -28.47 30.08 -17.96
C GLN B 300 -28.93 31.11 -18.99
N HIS B 301 -30.07 31.74 -18.74
CA HIS B 301 -30.59 32.76 -19.65
C HIS B 301 -29.54 33.82 -19.93
N TYR B 302 -29.00 34.36 -18.85
CA TYR B 302 -27.98 35.40 -18.90
C TYR B 302 -26.74 35.07 -19.72
N LEU B 303 -26.08 33.96 -19.41
CA LEU B 303 -24.89 33.54 -20.14
C LEU B 303 -25.28 33.50 -21.60
N SER B 304 -26.37 32.81 -21.87
CA SER B 304 -26.89 32.66 -23.19
C SER B 304 -27.01 34.02 -23.84
N ARG B 305 -27.73 34.91 -23.19
CA ARG B 305 -27.92 36.26 -23.72
C ARG B 305 -26.58 36.99 -23.94
N ALA B 306 -25.63 36.79 -23.05
CA ALA B 306 -24.32 37.42 -23.17
C ALA B 306 -23.50 36.80 -24.30
N GLY B 307 -24.01 35.72 -24.89
CA GLY B 307 -23.33 35.05 -25.98
C GLY B 307 -22.27 34.08 -25.49
N ILE B 308 -22.37 33.71 -24.21
CA ILE B 308 -21.43 32.80 -23.59
C ILE B 308 -21.79 31.34 -23.80
N TYR B 309 -20.83 30.54 -24.27
CA TYR B 309 -21.06 29.12 -24.48
C TYR B 309 -20.72 28.50 -23.13
N ALA B 310 -21.72 27.92 -22.47
CA ALA B 310 -21.52 27.33 -21.14
C ALA B 310 -21.99 25.89 -21.00
N VAL B 311 -21.14 25.03 -20.45
CA VAL B 311 -21.50 23.64 -20.24
C VAL B 311 -21.55 23.49 -18.73
N ARG B 312 -22.21 22.44 -18.25
CA ARG B 312 -22.36 22.24 -16.80
C ARG B 312 -22.24 20.80 -16.35
N ARG B 313 -22.24 20.64 -15.04
CA ARG B 313 -22.11 19.36 -14.39
C ARG B 313 -21.06 18.50 -15.05
N VAL B 314 -19.96 19.14 -15.45
CA VAL B 314 -18.86 18.45 -16.13
C VAL B 314 -18.04 17.57 -15.18
N LYS B 315 -17.50 16.49 -15.74
CA LYS B 315 -16.70 15.52 -14.98
C LYS B 315 -15.40 16.13 -14.43
N LYS B 316 -15.17 16.01 -13.13
CA LYS B 316 -13.95 16.55 -12.50
C LYS B 316 -12.67 16.13 -13.21
N SER B 317 -12.57 14.86 -13.56
CA SER B 317 -11.40 14.40 -14.25
C SER B 317 -11.24 15.27 -15.48
N ASP B 318 -12.34 15.50 -16.19
CA ASP B 318 -12.31 16.33 -17.37
C ASP B 318 -11.89 17.75 -17.06
N MET B 319 -12.38 18.25 -15.93
CA MET B 319 -12.07 19.59 -15.48
C MET B 319 -10.57 19.83 -15.44
N ASP B 320 -9.86 18.88 -14.85
CA ASP B 320 -8.41 18.95 -14.74
C ASP B 320 -7.76 18.97 -16.12
N LYS B 321 -8.21 18.09 -17.01
CA LYS B 321 -7.66 18.00 -18.37
C LYS B 321 -7.84 19.30 -19.15
N LEU B 322 -8.97 19.98 -18.94
CA LEU B 322 -9.25 21.23 -19.61
C LEU B 322 -8.34 22.27 -19.04
N ALA B 323 -8.06 22.14 -17.75
CA ALA B 323 -7.17 23.07 -17.08
C ALA B 323 -5.81 23.00 -17.72
N LYS B 324 -5.14 21.85 -17.57
CA LYS B 324 -3.81 21.67 -18.14
C LYS B 324 -3.73 22.14 -19.59
N ALA B 325 -4.70 21.71 -20.39
CA ALA B 325 -4.76 22.05 -21.78
C ALA B 325 -4.79 23.53 -22.04
N THR B 326 -5.80 24.21 -21.53
CA THR B 326 -5.98 25.64 -21.76
C THR B 326 -5.20 26.59 -20.83
N GLY B 327 -4.52 26.02 -19.85
CA GLY B 327 -3.76 26.84 -18.93
C GLY B 327 -4.69 27.64 -18.06
N ALA B 328 -5.86 27.07 -17.78
CA ALA B 328 -6.88 27.69 -16.94
C ALA B 328 -6.66 27.37 -15.46
N SER B 329 -7.52 27.92 -14.61
CA SER B 329 -7.46 27.67 -13.18
C SER B 329 -8.90 27.47 -12.74
N ILE B 330 -9.13 26.37 -12.03
CA ILE B 330 -10.47 25.99 -11.57
C ILE B 330 -10.99 26.84 -10.41
N VAL B 331 -11.61 27.97 -10.73
CA VAL B 331 -12.15 28.89 -9.75
C VAL B 331 -13.39 28.33 -9.03
N SER B 332 -13.35 28.37 -7.69
CA SER B 332 -14.44 27.90 -6.84
C SER B 332 -15.01 29.11 -6.07
N THR B 333 -14.56 30.30 -6.42
CA THR B 333 -15.01 31.51 -5.77
C THR B 333 -15.27 32.51 -6.90
N ILE B 334 -16.41 32.37 -7.59
CA ILE B 334 -16.74 33.24 -8.72
C ILE B 334 -16.48 34.73 -8.50
N ASP B 335 -16.80 35.20 -7.31
CA ASP B 335 -16.63 36.60 -6.94
C ASP B 335 -15.20 37.09 -7.14
N GLU B 336 -14.26 36.16 -7.13
CA GLU B 336 -12.86 36.47 -7.28
C GLU B 336 -12.28 35.92 -8.59
N ILE B 337 -13.13 35.61 -9.57
CA ILE B 337 -12.60 35.10 -10.82
C ILE B 337 -11.86 36.21 -11.53
N SER B 338 -10.55 36.03 -11.62
CA SER B 338 -9.68 37.00 -12.25
C SER B 338 -9.37 36.57 -13.66
N SER B 339 -8.94 37.54 -14.46
CA SER B 339 -8.57 37.33 -15.85
C SER B 339 -7.42 36.34 -15.94
N SER B 340 -6.58 36.33 -14.92
CA SER B 340 -5.46 35.42 -14.86
C SER B 340 -5.97 33.99 -14.70
N ASP B 341 -7.25 33.85 -14.34
CA ASP B 341 -7.85 32.55 -14.15
C ASP B 341 -8.39 31.91 -15.41
N LEU B 342 -8.43 32.67 -16.50
CA LEU B 342 -8.94 32.20 -17.78
C LEU B 342 -8.05 31.29 -18.62
N GLY B 343 -8.63 30.22 -19.11
CA GLY B 343 -7.88 29.33 -19.96
C GLY B 343 -7.98 29.90 -21.35
N THR B 344 -7.24 29.30 -22.28
CA THR B 344 -7.23 29.74 -23.66
C THR B 344 -7.31 28.58 -24.64
N ALA B 345 -8.04 28.82 -25.73
CA ALA B 345 -8.20 27.83 -26.79
C ALA B 345 -8.54 28.61 -28.03
N GLU B 346 -8.05 28.12 -29.17
CA GLU B 346 -8.25 28.72 -30.49
C GLU B 346 -9.72 28.72 -30.85
N ARG B 347 -10.45 27.66 -30.49
CA ARG B 347 -11.88 27.59 -30.76
C ARG B 347 -12.58 26.50 -29.98
N VAL B 348 -13.79 26.79 -29.52
CA VAL B 348 -14.58 25.80 -28.82
C VAL B 348 -15.83 25.64 -29.67
N GLU B 349 -16.25 24.40 -29.88
CA GLU B 349 -17.39 24.15 -30.73
C GLU B 349 -18.13 22.88 -30.37
N GLN B 350 -19.44 22.93 -30.53
CA GLN B 350 -20.27 21.78 -30.27
C GLN B 350 -20.29 21.07 -31.63
N VAL B 351 -20.00 19.77 -31.62
CA VAL B 351 -20.00 18.97 -32.85
C VAL B 351 -20.80 17.74 -32.55
N LYS B 352 -21.55 17.23 -33.53
CA LYS B 352 -22.31 16.02 -33.29
C LYS B 352 -21.42 14.83 -33.63
N VAL B 353 -21.14 14.03 -32.62
CA VAL B 353 -20.32 12.86 -32.80
C VAL B 353 -21.35 11.75 -32.88
N GLY B 354 -21.80 11.53 -34.09
CA GLY B 354 -22.79 10.51 -34.35
C GLY B 354 -24.15 10.96 -33.84
N GLU B 355 -24.62 10.31 -32.79
CA GLU B 355 -25.91 10.64 -32.25
C GLU B 355 -25.79 11.90 -31.42
N ASP B 356 -24.89 11.85 -30.44
CA ASP B 356 -24.68 12.93 -29.50
C ASP B 356 -23.94 14.18 -29.98
N TYR B 357 -23.99 15.19 -29.11
CA TYR B 357 -23.33 16.46 -29.32
C TYR B 357 -22.21 16.57 -28.29
N MET B 358 -21.01 16.80 -28.77
CA MET B 358 -19.84 16.91 -27.92
C MET B 358 -19.26 18.32 -28.03
N THR B 359 -18.52 18.73 -27.01
CA THR B 359 -17.89 20.05 -27.03
C THR B 359 -16.37 19.86 -27.24
N PHE B 360 -15.85 20.36 -28.36
CA PHE B 360 -14.42 20.26 -28.69
C PHE B 360 -13.66 21.55 -28.45
N VAL B 361 -12.74 21.53 -27.47
CA VAL B 361 -11.88 22.69 -27.20
C VAL B 361 -10.57 22.47 -27.97
N THR B 362 -10.53 23.02 -29.17
CA THR B 362 -9.40 22.87 -30.08
C THR B 362 -8.49 24.08 -30.12
N GLY B 363 -7.22 23.82 -30.34
CA GLY B 363 -6.23 24.88 -30.39
C GLY B 363 -5.92 25.31 -28.98
N CYS B 364 -5.65 24.35 -28.12
CA CYS B 364 -5.36 24.68 -26.75
C CYS B 364 -4.08 25.47 -26.58
N LYS B 365 -4.07 26.29 -25.54
CA LYS B 365 -2.92 27.12 -25.17
C LYS B 365 -1.69 26.21 -25.05
N ASN B 366 -1.91 25.04 -24.44
CA ASN B 366 -0.88 24.03 -24.24
C ASN B 366 -1.09 22.95 -25.29
N PRO B 367 -0.22 22.92 -26.30
CA PRO B 367 -0.27 21.94 -27.40
C PRO B 367 0.11 20.51 -27.03
N LYS B 368 0.58 20.30 -25.81
CA LYS B 368 0.95 18.96 -25.38
C LYS B 368 -0.27 18.28 -24.82
N ALA B 369 -1.44 18.62 -25.32
CA ALA B 369 -2.66 18.01 -24.83
C ALA B 369 -3.41 17.56 -26.07
N VAL B 370 -3.85 16.31 -26.06
CA VAL B 370 -4.56 15.76 -27.19
C VAL B 370 -5.64 14.76 -26.75
N SER B 371 -6.56 14.43 -27.66
CA SER B 371 -7.63 13.50 -27.38
C SER B 371 -7.77 12.40 -28.42
N ILE B 372 -8.21 11.23 -27.97
CA ILE B 372 -8.44 10.10 -28.86
C ILE B 372 -9.93 9.76 -28.77
N LEU B 373 -10.64 9.76 -29.90
CA LEU B 373 -12.07 9.46 -29.91
C LEU B 373 -12.29 8.06 -30.46
N VAL B 374 -12.41 7.10 -29.56
CA VAL B 374 -12.62 5.71 -29.90
C VAL B 374 -14.00 5.52 -30.50
N ARG B 375 -14.07 4.94 -31.70
CA ARG B 375 -15.36 4.69 -32.35
C ARG B 375 -15.56 3.17 -32.46
N GLY B 376 -16.78 2.72 -32.17
CA GLY B 376 -17.12 1.31 -32.22
C GLY B 376 -18.59 1.28 -32.57
N GLU B 377 -19.00 0.34 -33.39
CA GLU B 377 -20.40 0.32 -33.79
C GLU B 377 -21.40 0.06 -32.66
N THR B 378 -20.95 -0.66 -31.64
CA THR B 378 -21.76 -1.07 -30.52
C THR B 378 -21.14 -0.67 -29.14
N GLU B 379 -21.97 -0.55 -28.10
CA GLU B 379 -21.49 -0.16 -26.77
C GLU B 379 -20.34 -1.07 -26.31
N HIS B 380 -20.68 -2.33 -26.11
CA HIS B 380 -19.69 -3.31 -25.68
C HIS B 380 -18.53 -3.43 -26.64
N VAL B 381 -18.72 -3.00 -27.87
CA VAL B 381 -17.62 -3.08 -28.82
C VAL B 381 -16.67 -1.92 -28.56
N VAL B 382 -17.21 -0.71 -28.55
CA VAL B 382 -16.41 0.48 -28.34
C VAL B 382 -15.73 0.44 -26.98
N ASP B 383 -16.35 -0.23 -26.00
CA ASP B 383 -15.76 -0.35 -24.65
C ASP B 383 -14.41 -1.09 -24.62
N GLU B 384 -14.33 -2.17 -25.38
CA GLU B 384 -13.11 -2.95 -25.46
C GLU B 384 -12.13 -2.16 -26.30
N MET B 385 -12.65 -1.50 -27.33
CA MET B 385 -11.79 -0.72 -28.19
C MET B 385 -11.08 0.30 -27.33
N GLU B 386 -11.82 0.91 -26.40
CA GLU B 386 -11.24 1.90 -25.51
C GLU B 386 -10.24 1.27 -24.57
N ARG B 387 -10.53 0.06 -24.08
CA ARG B 387 -9.58 -0.57 -23.20
C ARG B 387 -8.32 -0.92 -23.99
N SER B 388 -8.49 -1.55 -25.15
CA SER B 388 -7.37 -1.94 -25.99
C SER B 388 -6.41 -0.79 -26.30
N ILE B 389 -6.94 0.39 -26.64
CA ILE B 389 -6.08 1.54 -26.93
C ILE B 389 -5.30 2.01 -25.71
N THR B 390 -5.95 2.11 -24.56
CA THR B 390 -5.30 2.54 -23.35
C THR B 390 -4.06 1.69 -23.10
N ASP B 391 -4.17 0.40 -23.43
CA ASP B 391 -3.08 -0.55 -23.27
C ASP B 391 -1.88 -0.14 -24.12
N SER B 392 -2.14 0.30 -25.37
CA SER B 392 -1.09 0.75 -26.30
C SER B 392 -0.41 1.98 -25.77
N LEU B 393 -1.23 2.98 -25.42
CA LEU B 393 -0.74 4.24 -24.89
C LEU B 393 0.23 3.93 -23.77
N HIS B 394 -0.22 3.10 -22.82
CA HIS B 394 0.62 2.76 -21.70
C HIS B 394 1.88 2.06 -22.12
N VAL B 395 1.79 1.34 -23.22
CA VAL B 395 2.96 0.68 -23.73
C VAL B 395 3.89 1.69 -24.38
N VAL B 396 3.50 2.28 -25.51
CA VAL B 396 4.42 3.19 -26.18
C VAL B 396 4.99 4.18 -25.19
N ALA B 397 4.18 4.57 -24.23
CA ALA B 397 4.63 5.50 -23.20
C ALA B 397 5.71 4.83 -22.34
N SER B 398 5.36 3.73 -21.68
CA SER B 398 6.32 3.04 -20.84
C SER B 398 7.61 2.74 -21.57
N ALA B 399 7.52 2.37 -22.85
CA ALA B 399 8.70 2.08 -23.65
C ALA B 399 9.50 3.35 -23.74
N LEU B 400 8.87 4.38 -24.29
CA LEU B 400 9.51 5.69 -24.47
C LEU B 400 10.27 6.08 -23.25
N GLU B 401 9.61 6.08 -22.10
CA GLU B 401 10.26 6.45 -20.85
C GLU B 401 11.46 5.54 -20.54
N ASP B 402 11.23 4.24 -20.43
CA ASP B 402 12.31 3.29 -20.14
C ASP B 402 13.50 3.48 -21.03
N GLY B 403 13.26 3.52 -22.33
CA GLY B 403 14.34 3.69 -23.27
C GLY B 403 14.83 2.39 -23.87
N ALA B 404 14.42 1.25 -23.34
CA ALA B 404 14.86 -0.03 -23.89
C ALA B 404 13.68 -0.95 -24.10
N TYR B 405 13.90 -2.07 -24.78
CA TYR B 405 12.82 -3.01 -25.02
C TYR B 405 13.40 -4.41 -25.10
N ALA B 406 12.57 -5.42 -24.89
CA ALA B 406 13.05 -6.80 -24.97
C ALA B 406 12.24 -7.52 -26.04
N ALA B 407 12.82 -8.57 -26.58
CA ALA B 407 12.15 -9.34 -27.62
C ALA B 407 10.99 -10.12 -27.01
N GLY B 408 9.83 -10.07 -27.67
CA GLY B 408 8.69 -10.78 -27.12
C GLY B 408 8.53 -12.20 -27.60
N GLY B 409 7.28 -12.65 -27.64
CA GLY B 409 6.92 -13.97 -28.10
C GLY B 409 7.53 -15.10 -27.29
N GLY B 410 7.79 -14.87 -26.02
CA GLY B 410 8.38 -15.91 -25.21
C GLY B 410 9.89 -16.02 -25.31
N ALA B 411 10.50 -15.22 -26.19
CA ALA B 411 11.94 -15.27 -26.34
C ALA B 411 12.64 -14.91 -25.03
N THR B 412 12.33 -13.73 -24.51
CA THR B 412 12.94 -13.28 -23.28
C THR B 412 12.64 -14.22 -22.12
N ALA B 413 11.45 -14.80 -22.09
CA ALA B 413 11.09 -15.75 -21.01
C ALA B 413 11.99 -16.97 -21.12
N ALA B 414 12.05 -17.53 -22.32
CA ALA B 414 12.89 -18.68 -22.59
C ALA B 414 14.33 -18.30 -22.23
N GLU B 415 14.69 -17.05 -22.47
CA GLU B 415 16.03 -16.62 -22.14
C GLU B 415 16.25 -16.64 -20.64
N ILE B 416 15.39 -15.95 -19.89
CA ILE B 416 15.50 -15.91 -18.45
C ILE B 416 15.46 -17.34 -17.92
N ALA B 417 14.68 -18.20 -18.57
CA ALA B 417 14.59 -19.57 -18.11
C ALA B 417 15.94 -20.22 -18.24
N PHE B 418 16.58 -19.95 -19.37
CA PHE B 418 17.90 -20.49 -19.69
C PHE B 418 18.94 -20.09 -18.64
N ARG B 419 19.09 -18.79 -18.48
CA ARG B 419 20.03 -18.24 -17.52
C ARG B 419 19.76 -18.61 -16.05
N LEU B 420 18.52 -18.88 -15.69
CA LEU B 420 18.24 -19.26 -14.31
C LEU B 420 18.72 -20.68 -14.03
N ARG B 421 18.68 -21.55 -15.03
CA ARG B 421 19.16 -22.93 -14.84
C ARG B 421 20.65 -22.92 -14.53
N SER B 422 21.39 -21.95 -15.08
CA SER B 422 22.82 -21.84 -14.81
C SER B 422 23.00 -21.33 -13.38
N TYR B 423 22.53 -20.13 -13.12
CA TYR B 423 22.62 -19.52 -11.80
C TYR B 423 22.24 -20.54 -10.73
N ALA B 424 21.28 -21.41 -11.05
CA ALA B 424 20.87 -22.44 -10.10
C ALA B 424 22.07 -23.29 -9.76
N GLN B 425 22.78 -23.74 -10.78
CA GLN B 425 23.95 -24.56 -10.55
C GLN B 425 25.01 -23.80 -9.72
N LYS B 426 25.05 -22.48 -9.85
CA LYS B 426 26.01 -21.69 -9.07
C LYS B 426 25.55 -21.62 -7.61
N ILE B 427 24.38 -21.02 -7.38
CA ILE B 427 23.83 -20.89 -6.04
C ILE B 427 23.22 -22.25 -5.81
N GLY B 428 24.07 -23.25 -5.62
CA GLY B 428 23.59 -24.61 -5.45
C GLY B 428 22.99 -24.94 -4.11
N GLY B 429 22.37 -26.11 -4.06
CA GLY B 429 21.76 -26.60 -2.82
C GLY B 429 20.29 -26.90 -3.01
N ARG B 430 19.49 -26.65 -1.98
CA ARG B 430 18.05 -26.87 -2.05
C ARG B 430 17.56 -25.61 -2.78
N GLN B 431 18.26 -24.51 -2.52
CA GLN B 431 17.99 -23.22 -3.14
C GLN B 431 17.91 -23.47 -4.63
N GLN B 432 18.86 -24.24 -5.13
CA GLN B 432 18.90 -24.59 -6.53
C GLN B 432 17.61 -25.22 -7.04
N LEU B 433 17.00 -26.10 -6.25
CA LEU B 433 15.73 -26.71 -6.67
C LEU B 433 14.66 -25.62 -6.90
N ALA B 434 14.62 -24.66 -5.99
CA ALA B 434 13.66 -23.58 -6.10
C ALA B 434 13.97 -22.72 -7.32
N ILE B 435 15.25 -22.41 -7.54
CA ILE B 435 15.70 -21.58 -8.69
C ILE B 435 15.36 -22.19 -10.05
N GLU B 436 15.48 -23.51 -10.13
CA GLU B 436 15.16 -24.22 -11.36
C GLU B 436 13.65 -24.24 -11.60
N LYS B 437 12.88 -24.47 -10.55
CA LYS B 437 11.42 -24.47 -10.67
C LYS B 437 10.99 -23.10 -11.16
N PHE B 438 11.60 -22.05 -10.62
CA PHE B 438 11.30 -20.68 -11.04
C PHE B 438 11.53 -20.61 -12.54
N ALA B 439 12.59 -21.25 -13.03
CA ALA B 439 12.85 -21.26 -14.46
C ALA B 439 11.70 -21.94 -15.23
N ASP B 440 11.33 -23.14 -14.79
CA ASP B 440 10.24 -23.89 -15.43
C ASP B 440 8.96 -23.08 -15.45
N ALA B 441 8.75 -22.34 -14.36
CA ALA B 441 7.55 -21.54 -14.26
C ALA B 441 7.55 -20.42 -15.27
N ILE B 442 8.66 -19.71 -15.40
CA ILE B 442 8.72 -18.62 -16.38
C ILE B 442 8.37 -19.18 -17.74
N GLU B 443 8.78 -20.43 -17.99
CA GLU B 443 8.50 -21.10 -19.25
C GLU B 443 7.04 -21.22 -19.50
N GLU B 444 6.23 -20.79 -18.55
CA GLU B 444 4.78 -20.86 -18.70
C GLU B 444 4.30 -20.03 -19.88
N ILE B 445 4.89 -18.86 -20.04
CA ILE B 445 4.52 -17.99 -21.14
C ILE B 445 4.63 -18.69 -22.49
N PRO B 446 5.81 -19.23 -22.85
CA PRO B 446 5.90 -19.93 -24.14
C PRO B 446 4.87 -21.04 -24.26
N ARG B 447 4.64 -21.77 -23.17
CA ARG B 447 3.67 -22.84 -23.21
C ARG B 447 2.29 -22.29 -23.53
N ALA B 448 1.85 -21.27 -22.79
CA ALA B 448 0.54 -20.65 -22.99
C ALA B 448 0.42 -20.12 -24.41
N LEU B 449 1.40 -19.33 -24.83
CA LEU B 449 1.41 -18.75 -26.18
C LEU B 449 1.26 -19.83 -27.23
N ALA B 450 2.04 -20.90 -27.09
CA ALA B 450 1.95 -21.99 -28.03
C ALA B 450 0.56 -22.62 -27.93
N GLU B 451 0.21 -23.11 -26.75
CA GLU B 451 -1.08 -23.74 -26.52
C GLU B 451 -2.22 -22.97 -27.17
N ASN B 452 -2.34 -21.70 -26.79
CA ASN B 452 -3.40 -20.87 -27.31
C ASN B 452 -3.52 -20.87 -28.84
N ALA B 453 -2.40 -20.90 -29.54
CA ALA B 453 -2.46 -20.89 -30.98
C ALA B 453 -2.89 -22.24 -31.47
N GLY B 454 -2.22 -23.27 -30.98
CA GLY B 454 -2.51 -24.62 -31.40
C GLY B 454 -1.20 -25.39 -31.52
N LEU B 455 -0.09 -24.65 -31.42
CA LEU B 455 1.24 -25.24 -31.51
C LEU B 455 1.43 -26.28 -30.41
N ASP B 456 2.28 -27.26 -30.65
CA ASP B 456 2.55 -28.28 -29.67
C ASP B 456 3.53 -27.68 -28.67
N PRO B 457 3.07 -27.41 -27.43
CA PRO B 457 3.88 -26.82 -26.36
C PRO B 457 5.22 -27.51 -26.14
N ILE B 458 5.20 -28.80 -25.88
CA ILE B 458 6.43 -29.57 -25.62
C ILE B 458 7.43 -29.57 -26.78
N ASP B 459 6.94 -29.48 -28.00
CA ASP B 459 7.84 -29.49 -29.15
C ASP B 459 8.46 -28.12 -29.35
N ILE B 460 7.61 -27.10 -29.32
CA ILE B 460 8.01 -25.71 -29.46
C ILE B 460 8.96 -25.36 -28.31
N LEU B 461 8.59 -25.75 -27.09
CA LEU B 461 9.40 -25.49 -25.92
C LEU B 461 10.79 -26.09 -26.03
N LEU B 462 10.87 -27.29 -26.61
CA LEU B 462 12.15 -27.97 -26.78
C LEU B 462 13.00 -27.25 -27.81
N LYS B 463 12.39 -26.90 -28.94
CA LYS B 463 13.11 -26.17 -29.97
C LYS B 463 13.52 -24.81 -29.42
N LEU B 464 12.64 -24.22 -28.60
CA LEU B 464 12.87 -22.90 -28.00
C LEU B 464 14.13 -22.96 -27.14
N ARG B 465 14.21 -24.00 -26.31
CA ARG B 465 15.36 -24.18 -25.43
C ARG B 465 16.63 -24.31 -26.24
N ALA B 466 16.58 -25.12 -27.29
CA ALA B 466 17.74 -25.32 -28.15
C ALA B 466 18.36 -24.00 -28.59
N GLU B 467 17.61 -23.23 -29.38
CA GLU B 467 18.06 -21.95 -29.90
C GLU B 467 18.60 -21.06 -28.82
N HIS B 468 17.88 -20.97 -27.72
CA HIS B 468 18.32 -20.10 -26.64
C HIS B 468 19.59 -20.59 -25.97
N ALA B 469 19.78 -21.90 -25.98
CA ALA B 469 20.97 -22.52 -25.43
C ALA B 469 22.11 -22.00 -26.30
N LYS B 470 21.89 -22.11 -27.61
CA LYS B 470 22.86 -21.67 -28.61
C LYS B 470 22.94 -20.14 -28.69
N GLY B 471 22.58 -19.47 -27.61
CA GLY B 471 22.67 -18.01 -27.59
C GLY B 471 21.78 -17.21 -28.53
N ASN B 472 20.59 -17.74 -28.84
CA ASN B 472 19.64 -16.99 -29.68
C ASN B 472 18.67 -16.21 -28.79
N LYS B 473 19.20 -15.30 -27.99
CA LYS B 473 18.43 -14.52 -27.04
C LYS B 473 17.15 -13.86 -27.52
N THR B 474 16.83 -13.95 -28.81
CA THR B 474 15.59 -13.34 -29.27
C THR B 474 14.64 -14.29 -30.01
N TYR B 475 14.90 -15.59 -29.91
CA TYR B 475 14.05 -16.56 -30.57
C TYR B 475 12.79 -16.84 -29.80
N GLY B 476 11.67 -16.43 -30.36
CA GLY B 476 10.41 -16.66 -29.68
C GLY B 476 9.48 -17.47 -30.54
N ILE B 477 8.21 -17.54 -30.15
CA ILE B 477 7.23 -18.29 -30.90
C ILE B 477 6.41 -17.41 -31.82
N ASN B 478 6.64 -17.54 -33.12
CA ASN B 478 5.87 -16.79 -34.11
C ASN B 478 4.57 -17.59 -34.17
N VAL B 479 3.60 -17.24 -33.33
CA VAL B 479 2.31 -17.96 -33.27
C VAL B 479 1.52 -18.13 -34.57
N PHE B 480 1.96 -17.47 -35.63
CA PHE B 480 1.30 -17.55 -36.92
C PHE B 480 1.92 -18.66 -37.80
N THR B 481 3.24 -18.72 -37.85
CA THR B 481 3.91 -19.72 -38.65
C THR B 481 4.21 -20.96 -37.84
N GLY B 482 4.25 -20.79 -36.52
CA GLY B 482 4.54 -21.92 -35.64
C GLY B 482 6.02 -22.18 -35.54
N GLU B 483 6.81 -21.29 -36.14
CA GLU B 483 8.25 -21.42 -36.12
C GLU B 483 8.87 -20.58 -35.01
N ILE B 484 10.06 -20.98 -34.56
CA ILE B 484 10.80 -20.27 -33.53
C ILE B 484 11.76 -19.32 -34.25
N GLU B 485 11.30 -18.11 -34.57
CA GLU B 485 12.10 -17.13 -35.30
C GLU B 485 12.63 -16.00 -34.42
N ASP B 486 13.24 -15.02 -35.08
CA ASP B 486 13.80 -13.85 -34.43
C ASP B 486 12.68 -12.85 -34.12
N MET B 487 12.35 -12.73 -32.84
CA MET B 487 11.30 -11.82 -32.39
C MET B 487 11.48 -10.35 -32.63
N VAL B 488 12.71 -9.83 -32.53
CA VAL B 488 12.89 -8.40 -32.75
C VAL B 488 12.81 -8.11 -34.24
N LYS B 489 13.24 -9.09 -35.03
CA LYS B 489 13.22 -8.99 -36.48
C LYS B 489 11.77 -8.89 -36.93
N ASN B 490 11.01 -9.95 -36.63
CA ASN B 490 9.59 -10.00 -36.99
C ASN B 490 8.82 -8.88 -36.28
N GLY B 491 9.51 -8.11 -35.44
CA GLY B 491 8.89 -6.99 -34.73
C GLY B 491 8.12 -7.16 -33.43
N VAL B 492 8.02 -8.36 -32.85
CA VAL B 492 7.29 -8.54 -31.58
C VAL B 492 8.24 -8.18 -30.47
N ILE B 493 8.00 -7.03 -29.91
CA ILE B 493 8.85 -6.48 -28.89
C ILE B 493 7.98 -5.79 -27.86
N GLU B 494 8.51 -5.67 -26.66
CA GLU B 494 7.76 -5.04 -25.61
C GLU B 494 8.68 -4.27 -24.72
N PRO B 495 8.17 -3.23 -24.07
CA PRO B 495 8.93 -2.38 -23.17
C PRO B 495 9.56 -3.27 -22.13
N ILE B 496 10.77 -2.95 -21.70
CA ILE B 496 11.42 -3.78 -20.71
C ILE B 496 10.60 -3.79 -19.39
N ARG B 497 10.01 -2.64 -19.04
CA ARG B 497 9.24 -2.51 -17.81
C ARG B 497 8.16 -3.56 -17.57
N VAL B 498 7.47 -3.97 -18.62
CA VAL B 498 6.41 -4.97 -18.52
C VAL B 498 6.98 -6.24 -17.90
N GLY B 499 8.05 -6.78 -18.49
CA GLY B 499 8.67 -8.01 -18.00
C GLY B 499 9.18 -8.08 -16.57
N LYS B 500 9.85 -7.01 -16.12
CA LYS B 500 10.40 -6.97 -14.76
C LYS B 500 9.34 -7.00 -13.67
N GLN B 501 8.25 -6.24 -13.86
CA GLN B 501 7.17 -6.23 -12.86
C GLN B 501 6.40 -7.54 -12.79
N ALA B 502 6.02 -8.07 -13.94
CA ALA B 502 5.31 -9.33 -13.98
C ALA B 502 6.10 -10.29 -13.11
N ILE B 503 7.41 -10.44 -13.38
CA ILE B 503 8.22 -11.36 -12.57
C ILE B 503 8.24 -10.86 -11.10
N GLU B 504 8.25 -9.54 -10.88
CA GLU B 504 8.24 -8.98 -9.52
C GLU B 504 6.94 -9.28 -8.76
N SER B 505 5.81 -8.88 -9.32
CA SER B 505 4.48 -9.10 -8.76
C SER B 505 4.22 -10.58 -8.62
N ALA B 506 4.62 -11.34 -9.63
CA ALA B 506 4.42 -12.77 -9.61
C ALA B 506 5.16 -13.41 -8.44
N THR B 507 6.45 -13.10 -8.26
CA THR B 507 7.13 -13.76 -7.16
C THR B 507 6.65 -13.31 -5.80
N GLU B 508 6.17 -12.08 -5.70
CA GLU B 508 5.69 -11.63 -4.41
C GLU B 508 4.38 -12.30 -4.01
N ALA B 509 3.59 -12.74 -4.98
CA ALA B 509 2.37 -13.46 -4.65
C ALA B 509 2.80 -14.84 -4.18
N ALA B 510 3.51 -15.57 -5.04
CA ALA B 510 3.99 -16.90 -4.71
C ALA B 510 4.60 -16.98 -3.31
N ILE B 511 5.44 -16.02 -2.94
CA ILE B 511 6.05 -16.04 -1.62
C ILE B 511 5.04 -15.87 -0.47
N MET B 512 4.07 -14.98 -0.67
CA MET B 512 3.05 -14.72 0.34
C MET B 512 2.19 -15.95 0.58
N ILE B 513 1.61 -16.47 -0.49
CA ILE B 513 0.79 -17.67 -0.41
C ILE B 513 1.63 -18.82 0.15
N LEU B 514 2.91 -18.81 -0.19
CA LEU B 514 3.83 -19.85 0.24
C LEU B 514 4.22 -19.84 1.73
N ARG B 515 4.01 -18.73 2.43
CA ARG B 515 4.36 -18.71 3.86
C ARG B 515 3.14 -19.00 4.73
N ILE B 516 1.95 -18.80 4.18
CA ILE B 516 0.70 -19.03 4.90
C ILE B 516 0.41 -20.51 5.08
N ASP B 517 0.61 -21.04 6.28
CA ASP B 517 0.37 -22.46 6.54
C ASP B 517 -0.98 -22.72 7.18
N ASP B 518 -1.80 -21.69 7.28
CA ASP B 518 -3.09 -21.85 7.90
C ASP B 518 -3.93 -20.64 7.59
N VAL B 519 -5.20 -20.86 7.27
CA VAL B 519 -6.10 -19.76 6.95
C VAL B 519 -7.39 -19.88 7.75
N ILE B 520 -7.59 -19.01 8.73
CA ILE B 520 -8.78 -19.04 9.57
C ILE B 520 -9.53 -17.73 9.57
N ALA B 521 -10.74 -17.73 10.16
CA ALA B 521 -11.60 -16.52 10.22
C ALA B 521 -11.47 -15.68 11.50
MG MG C . 9.99 -11.13 17.60
PB ADP D . 8.03 -13.75 19.39
O1B ADP D . 6.73 -13.07 19.14
O2B ADP D . 9.29 -12.68 19.40
O3B ADP D . 7.97 -14.50 20.66
PA ADP D . 9.50 -14.75 17.08
O1A ADP D . 10.16 -13.43 17.04
O2A ADP D . 8.91 -15.12 15.78
O3A ADP D . 8.38 -14.70 18.19
O5' ADP D . 10.49 -15.87 17.61
C5' ADP D . 11.19 -15.66 18.87
C4' ADP D . 12.20 -16.81 19.11
O4' ADP D . 12.92 -17.12 17.89
C3' ADP D . 13.28 -16.38 20.11
O3' ADP D . 13.76 -17.43 20.95
C2' ADP D . 14.38 -15.91 19.21
O2' ADP D . 15.66 -15.78 19.83
C1' ADP D . 14.32 -16.94 18.15
N9 ADP D . 15.11 -16.46 16.99
C8 ADP D . 14.87 -15.34 16.31
N7 ADP D . 15.79 -15.23 15.34
C5 ADP D . 16.60 -16.26 15.40
C6 ADP D . 17.71 -16.67 14.69
N6 ADP D . 18.19 -15.93 13.68
N1 ADP D . 18.33 -17.82 15.03
C2 ADP D . 17.88 -18.59 16.04
N3 ADP D . 16.81 -18.19 16.74
C4 ADP D . 16.15 -17.05 16.45
AL AF3 E . 6.17 -11.92 17.62
F1 AF3 E . 7.85 -11.34 17.41
F2 AF3 E . 5.06 -11.03 18.67
F3 AF3 E . 5.62 -13.41 16.78
MG MG F . -1.02 -6.97 -24.06
PB ADP G . -0.59 -9.52 -21.41
O1B ADP G . -1.85 -9.20 -20.66
O2B ADP G . 0.03 -8.26 -22.27
O3B ADP G . 0.44 -10.01 -20.45
PA ADP G . -1.48 -10.59 -23.99
O1A ADP G . -1.59 -9.18 -24.47
O2A ADP G . -2.76 -11.30 -24.05
O3A ADP G . -0.91 -10.60 -22.50
O5' ADP G . -0.38 -11.38 -24.77
C5' ADP G . 0.92 -10.84 -24.84
C4' ADP G . 1.88 -11.99 -25.03
O4' ADP G . 1.79 -12.45 -26.41
C3' ADP G . 3.29 -11.48 -24.86
O3' ADP G . 4.17 -12.43 -24.23
C2' ADP G . 3.72 -11.15 -26.28
O2' ADP G . 5.12 -11.00 -26.50
C1' ADP G . 3.06 -12.25 -27.05
N9 ADP G . 2.89 -11.79 -28.45
C8 ADP G . 2.34 -10.63 -28.80
N7 ADP G . 2.36 -10.54 -30.12
C5 ADP G . 2.92 -11.63 -30.62
C6 ADP G . 3.21 -12.09 -31.90
N6 ADP G . 2.91 -11.35 -32.98
N1 ADP G . 3.80 -13.30 -32.05
C2 ADP G . 4.12 -14.05 -30.99
N3 ADP G . 3.85 -13.61 -29.76
C4 ADP G . 3.26 -12.43 -29.54
AL AF3 H . -3.26 -7.80 -20.97
F1 AF3 H . -2.25 -7.06 -22.26
F2 AF3 H . -3.12 -7.23 -19.27
F3 AF3 H . -4.43 -9.10 -21.37
#